data_1H75
# 
_entry.id   1H75 
# 
_audit_conform.dict_name       mmcif_pdbx.dic 
_audit_conform.dict_version    5.397 
_audit_conform.dict_location   http://mmcif.pdb.org/dictionaries/ascii/mmcif_pdbx.dic 
# 
loop_
_database_2.database_id 
_database_2.database_code 
_database_2.pdbx_database_accession 
_database_2.pdbx_DOI 
PDB   1H75         pdb_00001h75 10.2210/pdb1h75/pdb 
PDBE  EBI-8254     ?            ?                   
WWPDB D_1290008254 ?            ?                   
# 
loop_
_pdbx_audit_revision_history.ordinal 
_pdbx_audit_revision_history.data_content_type 
_pdbx_audit_revision_history.major_revision 
_pdbx_audit_revision_history.minor_revision 
_pdbx_audit_revision_history.revision_date 
1 'Structure model' 1 0 2001-08-09 
2 'Structure model' 1 1 2011-05-08 
3 'Structure model' 1 2 2011-07-13 
4 'Structure model' 2 0 2018-01-17 
5 'Structure model' 2 1 2024-10-23 
# 
_pdbx_audit_revision_details.ordinal             1 
_pdbx_audit_revision_details.revision_ordinal    1 
_pdbx_audit_revision_details.data_content_type   'Structure model' 
_pdbx_audit_revision_details.provider            repository 
_pdbx_audit_revision_details.type                'Initial release' 
_pdbx_audit_revision_details.description         ? 
_pdbx_audit_revision_details.details             ? 
# 
loop_
_pdbx_audit_revision_group.ordinal 
_pdbx_audit_revision_group.revision_ordinal 
_pdbx_audit_revision_group.data_content_type 
_pdbx_audit_revision_group.group 
1 2 'Structure model' 'Version format compliance' 
2 3 'Structure model' 'Version format compliance' 
3 4 'Structure model' 'Atomic model'              
4 4 'Structure model' 'Data collection'           
5 5 'Structure model' 'Data collection'           
6 5 'Structure model' 'Database references'       
7 5 'Structure model' Other                       
8 5 'Structure model' 'Structure summary'         
# 
loop_
_pdbx_audit_revision_category.ordinal 
_pdbx_audit_revision_category.revision_ordinal 
_pdbx_audit_revision_category.data_content_type 
_pdbx_audit_revision_category.category 
1 4 'Structure model' atom_site                 
2 4 'Structure model' diffrn_source             
3 5 'Structure model' chem_comp_atom            
4 5 'Structure model' chem_comp_bond            
5 5 'Structure model' database_2                
6 5 'Structure model' pdbx_database_status      
7 5 'Structure model' pdbx_entry_details        
8 5 'Structure model' pdbx_modification_feature 
# 
loop_
_pdbx_audit_revision_item.ordinal 
_pdbx_audit_revision_item.revision_ordinal 
_pdbx_audit_revision_item.data_content_type 
_pdbx_audit_revision_item.item 
1 4 'Structure model' '_diffrn_source.pdbx_synchrotron_site' 
2 5 'Structure model' '_database_2.pdbx_DOI'                 
3 5 'Structure model' '_database_2.pdbx_database_accession'  
4 5 'Structure model' '_pdbx_database_status.status_code_sf' 
# 
_pdbx_database_status.status_code                     REL 
_pdbx_database_status.entry_id                        1H75 
_pdbx_database_status.deposit_site                    PDBE 
_pdbx_database_status.process_site                    PDBE 
_pdbx_database_status.SG_entry                        . 
_pdbx_database_status.recvd_initial_deposition_date   2001-07-03 
_pdbx_database_status.pdb_format_compatible           Y 
_pdbx_database_status.status_code_sf                  REL 
_pdbx_database_status.status_code_mr                  ? 
_pdbx_database_status.status_code_cs                  ? 
_pdbx_database_status.methods_development_category    ? 
_pdbx_database_status.status_code_nmr_data            ? 
# 
loop_
_audit_author.name 
_audit_author.pdbx_ordinal 
'Stehr, M.'     1 
'Schneider, G.' 2 
'Aslund, F.'    3 
'Holmgren, A.'  4 
'Lindqvist, Y.' 5 
# 
_citation.id                        primary 
_citation.title                     
'Structural Basis for the Thioredoxin-Like Activity Profile of the Glutaredoxin-Like Nrdh-Redoxin from Escherichia Coli' 
_citation.journal_abbrev            J.Biol.Chem. 
_citation.journal_volume            276 
_citation.page_first                35836 
_citation.page_last                 ? 
_citation.year                      2001 
_citation.journal_id_ASTM           JBCHA3 
_citation.country                   US 
_citation.journal_id_ISSN           0021-9258 
_citation.journal_id_CSD            0071 
_citation.book_publisher            ? 
_citation.pdbx_database_id_PubMed   11441020 
_citation.pdbx_database_id_DOI      10.1074/JBC.M105094200 
# 
loop_
_citation_author.citation_id 
_citation_author.name 
_citation_author.ordinal 
_citation_author.identifier_ORCID 
primary 'Stehr, M.'     1 ? 
primary 'Schneider, G.' 2 ? 
primary 'Aslund, F.'    3 ? 
primary 'Holmgren, A.'  4 ? 
primary 'Lindqvist, Y.' 5 ? 
# 
loop_
_entity.id 
_entity.type 
_entity.src_method 
_entity.pdbx_description 
_entity.formula_weight 
_entity.pdbx_number_of_molecules 
_entity.pdbx_ec 
_entity.pdbx_mutation 
_entity.pdbx_fragment 
_entity.details 
1 polymer man 'GLUTAREDOXIN-LIKE PROTEIN NRDH' 9152.472 1  ? ? ? ? 
2 water   nat water                            18.015   81 ? ? ? ? 
# 
_entity_poly.entity_id                      1 
_entity_poly.type                           'polypeptide(L)' 
_entity_poly.nstd_linkage                   no 
_entity_poly.nstd_monomer                   no 
_entity_poly.pdbx_seq_one_letter_code       
;MRITIYTRNDCVQCHATKRAMENRGFDFEMINVDRVPEAAEALRAQGFRQLPVVIAGDLSWSGFRPDMINRLHPAPHAAS
A
;
_entity_poly.pdbx_seq_one_letter_code_can   
;MRITIYTRNDCVQCHATKRAMENRGFDFEMINVDRVPEAAEALRAQGFRQLPVVIAGDLSWSGFRPDMINRLHPAPHAAS
A
;
_entity_poly.pdbx_strand_id                 A 
_entity_poly.pdbx_target_identifier         ? 
# 
_pdbx_entity_nonpoly.entity_id   2 
_pdbx_entity_nonpoly.name        water 
_pdbx_entity_nonpoly.comp_id     HOH 
# 
loop_
_entity_poly_seq.entity_id 
_entity_poly_seq.num 
_entity_poly_seq.mon_id 
_entity_poly_seq.hetero 
1 1  MET n 
1 2  ARG n 
1 3  ILE n 
1 4  THR n 
1 5  ILE n 
1 6  TYR n 
1 7  THR n 
1 8  ARG n 
1 9  ASN n 
1 10 ASP n 
1 11 CYS n 
1 12 VAL n 
1 13 GLN n 
1 14 CYS n 
1 15 HIS n 
1 16 ALA n 
1 17 THR n 
1 18 LYS n 
1 19 ARG n 
1 20 ALA n 
1 21 MET n 
1 22 GLU n 
1 23 ASN n 
1 24 ARG n 
1 25 GLY n 
1 26 PHE n 
1 27 ASP n 
1 28 PHE n 
1 29 GLU n 
1 30 MET n 
1 31 ILE n 
1 32 ASN n 
1 33 VAL n 
1 34 ASP n 
1 35 ARG n 
1 36 VAL n 
1 37 PRO n 
1 38 GLU n 
1 39 ALA n 
1 40 ALA n 
1 41 GLU n 
1 42 ALA n 
1 43 LEU n 
1 44 ARG n 
1 45 ALA n 
1 46 GLN n 
1 47 GLY n 
1 48 PHE n 
1 49 ARG n 
1 50 GLN n 
1 51 LEU n 
1 52 PRO n 
1 53 VAL n 
1 54 VAL n 
1 55 ILE n 
1 56 ALA n 
1 57 GLY n 
1 58 ASP n 
1 59 LEU n 
1 60 SER n 
1 61 TRP n 
1 62 SER n 
1 63 GLY n 
1 64 PHE n 
1 65 ARG n 
1 66 PRO n 
1 67 ASP n 
1 68 MET n 
1 69 ILE n 
1 70 ASN n 
1 71 ARG n 
1 72 LEU n 
1 73 HIS n 
1 74 PRO n 
1 75 ALA n 
1 76 PRO n 
1 77 HIS n 
1 78 ALA n 
1 79 ALA n 
1 80 SER n 
1 81 ALA n 
# 
_entity_src_gen.entity_id                          1 
_entity_src_gen.pdbx_src_id                        1 
_entity_src_gen.pdbx_alt_source_flag               sample 
_entity_src_gen.pdbx_seq_type                      ? 
_entity_src_gen.pdbx_beg_seq_num                   ? 
_entity_src_gen.pdbx_end_seq_num                   ? 
_entity_src_gen.gene_src_common_name               ? 
_entity_src_gen.gene_src_genus                     ? 
_entity_src_gen.pdbx_gene_src_gene                 ? 
_entity_src_gen.gene_src_species                   ? 
_entity_src_gen.gene_src_strain                    ? 
_entity_src_gen.gene_src_tissue                    ? 
_entity_src_gen.gene_src_tissue_fraction           ? 
_entity_src_gen.gene_src_details                   ? 
_entity_src_gen.pdbx_gene_src_fragment             ? 
_entity_src_gen.pdbx_gene_src_scientific_name      'ESCHERICHIA COLI' 
_entity_src_gen.pdbx_gene_src_ncbi_taxonomy_id     562 
_entity_src_gen.pdbx_gene_src_variant              ? 
_entity_src_gen.pdbx_gene_src_cell_line            ? 
_entity_src_gen.pdbx_gene_src_atcc                 ? 
_entity_src_gen.pdbx_gene_src_organ                ? 
_entity_src_gen.pdbx_gene_src_organelle            ? 
_entity_src_gen.pdbx_gene_src_cell                 ? 
_entity_src_gen.pdbx_gene_src_cellular_location    ? 
_entity_src_gen.host_org_common_name               ? 
_entity_src_gen.pdbx_host_org_scientific_name      'ESCHERICHIA COLI' 
_entity_src_gen.pdbx_host_org_ncbi_taxonomy_id     562 
_entity_src_gen.host_org_genus                     ? 
_entity_src_gen.pdbx_host_org_gene                 ? 
_entity_src_gen.pdbx_host_org_organ                ? 
_entity_src_gen.host_org_species                   ? 
_entity_src_gen.pdbx_host_org_tissue               ? 
_entity_src_gen.pdbx_host_org_tissue_fraction      ? 
_entity_src_gen.pdbx_host_org_strain               ? 
_entity_src_gen.pdbx_host_org_variant              ? 
_entity_src_gen.pdbx_host_org_cell_line            ? 
_entity_src_gen.pdbx_host_org_atcc                 ? 
_entity_src_gen.pdbx_host_org_culture_collection   ? 
_entity_src_gen.pdbx_host_org_cell                 ? 
_entity_src_gen.pdbx_host_org_organelle            ? 
_entity_src_gen.pdbx_host_org_cellular_location    ? 
_entity_src_gen.pdbx_host_org_vector_type          ? 
_entity_src_gen.pdbx_host_org_vector               ? 
_entity_src_gen.host_org_details                   ? 
_entity_src_gen.expression_system_id               ? 
_entity_src_gen.plasmid_name                       ? 
_entity_src_gen.plasmid_details                    ? 
_entity_src_gen.pdbx_description                   ? 
# 
loop_
_chem_comp.id 
_chem_comp.type 
_chem_comp.mon_nstd_flag 
_chem_comp.name 
_chem_comp.pdbx_synonyms 
_chem_comp.formula 
_chem_comp.formula_weight 
ALA 'L-peptide linking' y ALANINE         ? 'C3 H7 N O2'     89.093  
ARG 'L-peptide linking' y ARGININE        ? 'C6 H15 N4 O2 1' 175.209 
ASN 'L-peptide linking' y ASPARAGINE      ? 'C4 H8 N2 O3'    132.118 
ASP 'L-peptide linking' y 'ASPARTIC ACID' ? 'C4 H7 N O4'     133.103 
CYS 'L-peptide linking' y CYSTEINE        ? 'C3 H7 N O2 S'   121.158 
GLN 'L-peptide linking' y GLUTAMINE       ? 'C5 H10 N2 O3'   146.144 
GLU 'L-peptide linking' y 'GLUTAMIC ACID' ? 'C5 H9 N O4'     147.129 
GLY 'peptide linking'   y GLYCINE         ? 'C2 H5 N O2'     75.067  
HIS 'L-peptide linking' y HISTIDINE       ? 'C6 H10 N3 O2 1' 156.162 
HOH non-polymer         . WATER           ? 'H2 O'           18.015  
ILE 'L-peptide linking' y ISOLEUCINE      ? 'C6 H13 N O2'    131.173 
LEU 'L-peptide linking' y LEUCINE         ? 'C6 H13 N O2'    131.173 
LYS 'L-peptide linking' y LYSINE          ? 'C6 H15 N2 O2 1' 147.195 
MET 'L-peptide linking' y METHIONINE      ? 'C5 H11 N O2 S'  149.211 
PHE 'L-peptide linking' y PHENYLALANINE   ? 'C9 H11 N O2'    165.189 
PRO 'L-peptide linking' y PROLINE         ? 'C5 H9 N O2'     115.130 
SER 'L-peptide linking' y SERINE          ? 'C3 H7 N O3'     105.093 
THR 'L-peptide linking' y THREONINE       ? 'C4 H9 N O3'     119.119 
TRP 'L-peptide linking' y TRYPTOPHAN      ? 'C11 H12 N2 O2'  204.225 
TYR 'L-peptide linking' y TYROSINE        ? 'C9 H11 N O3'    181.189 
VAL 'L-peptide linking' y VALINE          ? 'C5 H11 N O2'    117.146 
# 
loop_
_pdbx_poly_seq_scheme.asym_id 
_pdbx_poly_seq_scheme.entity_id 
_pdbx_poly_seq_scheme.seq_id 
_pdbx_poly_seq_scheme.mon_id 
_pdbx_poly_seq_scheme.ndb_seq_num 
_pdbx_poly_seq_scheme.pdb_seq_num 
_pdbx_poly_seq_scheme.auth_seq_num 
_pdbx_poly_seq_scheme.pdb_mon_id 
_pdbx_poly_seq_scheme.auth_mon_id 
_pdbx_poly_seq_scheme.pdb_strand_id 
_pdbx_poly_seq_scheme.pdb_ins_code 
_pdbx_poly_seq_scheme.hetero 
A 1 1  MET 1  1  1  MET MET A . n 
A 1 2  ARG 2  2  2  ARG ARG A . n 
A 1 3  ILE 3  3  3  ILE ILE A . n 
A 1 4  THR 4  4  4  THR THR A . n 
A 1 5  ILE 5  5  5  ILE ILE A . n 
A 1 6  TYR 6  6  6  TYR TYR A . n 
A 1 7  THR 7  7  7  THR THR A . n 
A 1 8  ARG 8  8  8  ARG ARG A . n 
A 1 9  ASN 9  9  9  ASN ASN A . n 
A 1 10 ASP 10 10 10 ASP ASP A . n 
A 1 11 CYS 11 11 11 CYS CYS A . n 
A 1 12 VAL 12 12 12 VAL VAL A . n 
A 1 13 GLN 13 13 13 GLN GLN A . n 
A 1 14 CYS 14 14 14 CYS CYS A . n 
A 1 15 HIS 15 15 15 HIS HIS A . n 
A 1 16 ALA 16 16 16 ALA ALA A . n 
A 1 17 THR 17 17 17 THR THR A . n 
A 1 18 LYS 18 18 18 LYS LYS A . n 
A 1 19 ARG 19 19 19 ARG ARG A . n 
A 1 20 ALA 20 20 20 ALA ALA A . n 
A 1 21 MET 21 21 21 MET MET A . n 
A 1 22 GLU 22 22 22 GLU GLU A . n 
A 1 23 ASN 23 23 23 ASN ASN A . n 
A 1 24 ARG 24 24 24 ARG ARG A . n 
A 1 25 GLY 25 25 25 GLY GLY A . n 
A 1 26 PHE 26 26 26 PHE PHE A . n 
A 1 27 ASP 27 27 27 ASP ASP A . n 
A 1 28 PHE 28 28 28 PHE PHE A . n 
A 1 29 GLU 29 29 29 GLU GLU A . n 
A 1 30 MET 30 30 30 MET MET A . n 
A 1 31 ILE 31 31 31 ILE ILE A . n 
A 1 32 ASN 32 32 32 ASN ASN A . n 
A 1 33 VAL 33 33 33 VAL VAL A . n 
A 1 34 ASP 34 34 34 ASP ASP A . n 
A 1 35 ARG 35 35 35 ARG ARG A . n 
A 1 36 VAL 36 36 36 VAL VAL A . n 
A 1 37 PRO 37 37 37 PRO PRO A . n 
A 1 38 GLU 38 38 38 GLU GLU A . n 
A 1 39 ALA 39 39 39 ALA ALA A . n 
A 1 40 ALA 40 40 40 ALA ALA A . n 
A 1 41 GLU 41 41 41 GLU GLU A . n 
A 1 42 ALA 42 42 42 ALA ALA A . n 
A 1 43 LEU 43 43 43 LEU LEU A . n 
A 1 44 ARG 44 44 44 ARG ARG A . n 
A 1 45 ALA 45 45 45 ALA ALA A . n 
A 1 46 GLN 46 46 46 GLN GLN A . n 
A 1 47 GLY 47 47 47 GLY GLY A . n 
A 1 48 PHE 48 48 48 PHE PHE A . n 
A 1 49 ARG 49 49 49 ARG ARG A . n 
A 1 50 GLN 50 50 50 GLN GLN A . n 
A 1 51 LEU 51 51 51 LEU LEU A . n 
A 1 52 PRO 52 52 52 PRO PRO A . n 
A 1 53 VAL 53 53 53 VAL VAL A . n 
A 1 54 VAL 54 54 54 VAL VAL A . n 
A 1 55 ILE 55 55 55 ILE ILE A . n 
A 1 56 ALA 56 56 56 ALA ALA A . n 
A 1 57 GLY 57 57 57 GLY GLY A . n 
A 1 58 ASP 58 58 58 ASP ASP A . n 
A 1 59 LEU 59 59 59 LEU LEU A . n 
A 1 60 SER 60 60 60 SER SER A . n 
A 1 61 TRP 61 61 61 TRP TRP A . n 
A 1 62 SER 62 62 62 SER SER A . n 
A 1 63 GLY 63 63 63 GLY GLY A . n 
A 1 64 PHE 64 64 64 PHE PHE A . n 
A 1 65 ARG 65 65 65 ARG ARG A . n 
A 1 66 PRO 66 66 66 PRO PRO A . n 
A 1 67 ASP 67 67 67 ASP ASP A . n 
A 1 68 MET 68 68 68 MET MET A . n 
A 1 69 ILE 69 69 69 ILE ILE A . n 
A 1 70 ASN 70 70 70 ASN ASN A . n 
A 1 71 ARG 71 71 71 ARG ARG A . n 
A 1 72 LEU 72 72 72 LEU LEU A . n 
A 1 73 HIS 73 73 73 HIS HIS A . n 
A 1 74 PRO 74 74 74 PRO PRO A . n 
A 1 75 ALA 75 75 75 ALA ALA A . n 
A 1 76 PRO 76 76 76 PRO PRO A . n 
A 1 77 HIS 77 77 ?  ?   ?   A . n 
A 1 78 ALA 78 78 ?  ?   ?   A . n 
A 1 79 ALA 79 79 ?  ?   ?   A . n 
A 1 80 SER 80 80 ?  ?   ?   A . n 
A 1 81 ALA 81 81 ?  ?   ?   A . n 
# 
loop_
_pdbx_nonpoly_scheme.asym_id 
_pdbx_nonpoly_scheme.entity_id 
_pdbx_nonpoly_scheme.mon_id 
_pdbx_nonpoly_scheme.ndb_seq_num 
_pdbx_nonpoly_scheme.pdb_seq_num 
_pdbx_nonpoly_scheme.auth_seq_num 
_pdbx_nonpoly_scheme.pdb_mon_id 
_pdbx_nonpoly_scheme.auth_mon_id 
_pdbx_nonpoly_scheme.pdb_strand_id 
_pdbx_nonpoly_scheme.pdb_ins_code 
B 2 HOH 1  2001 2001 HOH HOH A . 
B 2 HOH 2  2002 2002 HOH HOH A . 
B 2 HOH 3  2003 2003 HOH HOH A . 
B 2 HOH 4  2004 2004 HOH HOH A . 
B 2 HOH 5  2005 2005 HOH HOH A . 
B 2 HOH 6  2006 2006 HOH HOH A . 
B 2 HOH 7  2007 2007 HOH HOH A . 
B 2 HOH 8  2008 2008 HOH HOH A . 
B 2 HOH 9  2009 2009 HOH HOH A . 
B 2 HOH 10 2010 2010 HOH HOH A . 
B 2 HOH 11 2011 2011 HOH HOH A . 
B 2 HOH 12 2012 2012 HOH HOH A . 
B 2 HOH 13 2013 2013 HOH HOH A . 
B 2 HOH 14 2014 2014 HOH HOH A . 
B 2 HOH 15 2015 2015 HOH HOH A . 
B 2 HOH 16 2016 2016 HOH HOH A . 
B 2 HOH 17 2017 2017 HOH HOH A . 
B 2 HOH 18 2018 2018 HOH HOH A . 
B 2 HOH 19 2019 2019 HOH HOH A . 
B 2 HOH 20 2020 2020 HOH HOH A . 
B 2 HOH 21 2021 2021 HOH HOH A . 
B 2 HOH 22 2022 2022 HOH HOH A . 
B 2 HOH 23 2023 2023 HOH HOH A . 
B 2 HOH 24 2024 2024 HOH HOH A . 
B 2 HOH 25 2025 2025 HOH HOH A . 
B 2 HOH 26 2026 2026 HOH HOH A . 
B 2 HOH 27 2027 2027 HOH HOH A . 
B 2 HOH 28 2028 2028 HOH HOH A . 
B 2 HOH 29 2029 2029 HOH HOH A . 
B 2 HOH 30 2030 2030 HOH HOH A . 
B 2 HOH 31 2031 2031 HOH HOH A . 
B 2 HOH 32 2032 2032 HOH HOH A . 
B 2 HOH 33 2033 2033 HOH HOH A . 
B 2 HOH 34 2034 2034 HOH HOH A . 
B 2 HOH 35 2035 2035 HOH HOH A . 
B 2 HOH 36 2036 2036 HOH HOH A . 
B 2 HOH 37 2037 2037 HOH HOH A . 
B 2 HOH 38 2038 2038 HOH HOH A . 
B 2 HOH 39 2039 2039 HOH HOH A . 
B 2 HOH 40 2040 2040 HOH HOH A . 
B 2 HOH 41 2041 2041 HOH HOH A . 
B 2 HOH 42 2042 2042 HOH HOH A . 
B 2 HOH 43 2043 2043 HOH HOH A . 
B 2 HOH 44 2044 2044 HOH HOH A . 
B 2 HOH 45 2045 2045 HOH HOH A . 
B 2 HOH 46 2046 2046 HOH HOH A . 
B 2 HOH 47 2047 2047 HOH HOH A . 
B 2 HOH 48 2048 2048 HOH HOH A . 
B 2 HOH 49 2049 2049 HOH HOH A . 
B 2 HOH 50 2050 2050 HOH HOH A . 
B 2 HOH 51 2051 2051 HOH HOH A . 
B 2 HOH 52 2052 2052 HOH HOH A . 
B 2 HOH 53 2053 2053 HOH HOH A . 
B 2 HOH 54 2054 2054 HOH HOH A . 
B 2 HOH 55 2055 2055 HOH HOH A . 
B 2 HOH 56 2056 2056 HOH HOH A . 
B 2 HOH 57 2057 2057 HOH HOH A . 
B 2 HOH 58 2058 2058 HOH HOH A . 
B 2 HOH 59 2059 2059 HOH HOH A . 
B 2 HOH 60 2060 2060 HOH HOH A . 
B 2 HOH 61 2061 2061 HOH HOH A . 
B 2 HOH 62 2062 2062 HOH HOH A . 
B 2 HOH 63 2063 2063 HOH HOH A . 
B 2 HOH 64 2064 2064 HOH HOH A . 
B 2 HOH 65 2065 2065 HOH HOH A . 
B 2 HOH 66 2066 2066 HOH HOH A . 
B 2 HOH 67 2067 2067 HOH HOH A . 
B 2 HOH 68 2068 2068 HOH HOH A . 
B 2 HOH 69 2069 2069 HOH HOH A . 
B 2 HOH 70 2070 2070 HOH HOH A . 
B 2 HOH 71 2071 2071 HOH HOH A . 
B 2 HOH 72 2072 2072 HOH HOH A . 
B 2 HOH 73 2073 2073 HOH HOH A . 
B 2 HOH 74 2074 2074 HOH HOH A . 
B 2 HOH 75 2075 2075 HOH HOH A . 
B 2 HOH 76 2076 2076 HOH HOH A . 
B 2 HOH 77 2077 2077 HOH HOH A . 
B 2 HOH 78 2078 2078 HOH HOH A . 
B 2 HOH 79 2079 2079 HOH HOH A . 
B 2 HOH 80 2080 2080 HOH HOH A . 
B 2 HOH 81 2081 2081 HOH HOH A . 
# 
loop_
_software.name 
_software.classification 
_software.version 
_software.citation_id 
_software.pdbx_ordinal 
CNS       refinement       1.0 ? 1 
DENZO     'data reduction' .   ? 2 
SCALEPACK 'data scaling'   .   ? 3 
# 
_cell.entry_id           1H75 
_cell.length_a           31.151 
_cell.length_b           41.346 
_cell.length_c           58.668 
_cell.angle_alpha        90.00 
_cell.angle_beta         90.00 
_cell.angle_gamma        90.00 
_cell.Z_PDB              4 
_cell.pdbx_unique_axis   ? 
# 
_symmetry.entry_id                         1H75 
_symmetry.space_group_name_H-M             'P 21 21 21' 
_symmetry.pdbx_full_space_group_name_H-M   ? 
_symmetry.cell_setting                     ? 
_symmetry.Int_Tables_number                19 
# 
_exptl.entry_id          1H75 
_exptl.method            'X-RAY DIFFRACTION' 
_exptl.crystals_number   ? 
# 
_exptl_crystal.id                    1 
_exptl_crystal.density_meas          ? 
_exptl_crystal.density_Matthews      2.06 
_exptl_crystal.density_percent_sol   40.41 
_exptl_crystal.description           ? 
# 
_exptl_crystal_grow.crystal_id      1 
_exptl_crystal_grow.method          ? 
_exptl_crystal_grow.temp            ? 
_exptl_crystal_grow.temp_details    ? 
_exptl_crystal_grow.pH              9.10 
_exptl_crystal_grow.pdbx_pH_range   ? 
_exptl_crystal_grow.pdbx_details    'pH 9.10' 
# 
_diffrn.id                     1 
_diffrn.ambient_temp           100.0 
_diffrn.ambient_temp_details   ? 
_diffrn.crystal_id             1 
# 
_diffrn_detector.diffrn_id              1 
_diffrn_detector.detector               'IMAGE PLATE' 
_diffrn_detector.type                   MARRESEARCH 
_diffrn_detector.pdbx_collection_date   ? 
_diffrn_detector.details                ? 
# 
_diffrn_radiation.diffrn_id                        1 
_diffrn_radiation.wavelength_id                    1 
_diffrn_radiation.pdbx_monochromatic_or_laue_m_l   M 
_diffrn_radiation.monochromator                    ? 
_diffrn_radiation.pdbx_diffrn_protocol             'SINGLE WAVELENGTH' 
_diffrn_radiation.pdbx_scattering_type             x-ray 
# 
_diffrn_radiation_wavelength.id           1 
_diffrn_radiation_wavelength.wavelength   1.0292 
_diffrn_radiation_wavelength.wt           1.0 
# 
_diffrn_source.diffrn_id                   1 
_diffrn_source.source                      SYNCHROTRON 
_diffrn_source.type                        'MAX II BEAMLINE I711' 
_diffrn_source.pdbx_synchrotron_site       'MAX II' 
_diffrn_source.pdbx_synchrotron_beamline   I711 
_diffrn_source.pdbx_wavelength             1.0292 
_diffrn_source.pdbx_wavelength_list        ? 
# 
_reflns.pdbx_diffrn_id               1 
_reflns.pdbx_ordinal                 1 
_reflns.entry_id                     1H75 
_reflns.observed_criterion_sigma_I   ? 
_reflns.observed_criterion_sigma_F   ? 
_reflns.d_resolution_low             25.000 
_reflns.d_resolution_high            1.700 
_reflns.number_obs                   8503 
_reflns.number_all                   ? 
_reflns.percent_possible_obs         96.4 
_reflns.pdbx_Rmerge_I_obs            0.05800 
_reflns.pdbx_Rsym_value              ? 
_reflns.pdbx_netI_over_sigmaI        17.5000 
_reflns.B_iso_Wilson_estimate        19.4 
_reflns.pdbx_redundancy              13.400 
# 
_refine.pdbx_refine_id                           'X-RAY DIFFRACTION' 
_refine.entry_id                                 1H75 
_refine.pdbx_diffrn_id                           1 
_refine.pdbx_TLS_residual_ADP_flag               ? 
_refine.ls_number_reflns_obs                     8491 
_refine.ls_number_reflns_all                     ? 
_refine.pdbx_ls_sigma_I                          ? 
_refine.pdbx_ls_sigma_F                          0.0 
_refine.pdbx_data_cutoff_high_absF               ? 
_refine.pdbx_data_cutoff_low_absF                ? 
_refine.pdbx_data_cutoff_high_rms_absF           ? 
_refine.ls_d_res_low                             25. 
_refine.ls_d_res_high                            1.7 
_refine.ls_percent_reflns_obs                    96.4 
_refine.ls_R_factor_obs                          0.200 
_refine.ls_R_factor_all                          ? 
_refine.ls_R_factor_R_work                       0.200 
_refine.ls_R_factor_R_free                       0.211 
_refine.ls_R_factor_R_free_error                 ? 
_refine.ls_R_factor_R_free_error_details         ? 
_refine.ls_percent_reflns_R_free                 0.106 
_refine.ls_number_reflns_R_free                  897 
_refine.ls_number_parameters                     ? 
_refine.ls_number_restraints                     ? 
_refine.occupancy_min                            ? 
_refine.occupancy_max                            ? 
_refine.correlation_coeff_Fo_to_Fc               ? 
_refine.correlation_coeff_Fo_to_Fc_free          ? 
_refine.B_iso_mean                               21.1 
_refine.aniso_B[1][1]                            -6.796 
_refine.aniso_B[2][2]                            3.919 
_refine.aniso_B[3][3]                            2.877 
_refine.aniso_B[1][2]                            0.0 
_refine.aniso_B[1][3]                            0.0 
_refine.aniso_B[2][3]                            0.0 
_refine.solvent_model_details                    ? 
_refine.solvent_model_param_ksol                 0.37 
_refine.solvent_model_param_bsol                 80.6 
_refine.pdbx_solvent_vdw_probe_radii             ? 
_refine.pdbx_solvent_ion_probe_radii             ? 
_refine.pdbx_solvent_shrinkage_radii             ? 
_refine.pdbx_ls_cross_valid_method               THROUGHOUT 
_refine.details                                  ? 
_refine.pdbx_starting_model                      ? 
_refine.pdbx_method_to_determine_struct          MAD 
_refine.pdbx_isotropic_thermal_model             ? 
_refine.pdbx_stereochemistry_target_values       ? 
_refine.pdbx_stereochem_target_val_spec_case     ? 
_refine.pdbx_R_Free_selection_details            RANDOM 
_refine.pdbx_overall_ESU_R                       ? 
_refine.pdbx_overall_ESU_R_Free                  ? 
_refine.overall_SU_ML                            ? 
_refine.pdbx_overall_phase_error                 ? 
_refine.overall_SU_B                             ? 
_refine.overall_SU_R_Cruickshank_DPI             ? 
_refine.pdbx_overall_SU_R_free_Cruickshank_DPI   ? 
_refine.pdbx_overall_SU_R_Blow_DPI               ? 
_refine.pdbx_overall_SU_R_free_Blow_DPI          ? 
# 
_refine_hist.pdbx_refine_id                   'X-RAY DIFFRACTION' 
_refine_hist.cycle_id                         LAST 
_refine_hist.pdbx_number_atoms_protein        609 
_refine_hist.pdbx_number_atoms_nucleic_acid   0 
_refine_hist.pdbx_number_atoms_ligand         0 
_refine_hist.number_atoms_solvent             81 
_refine_hist.number_atoms_total               690 
_refine_hist.d_res_high                       1.7 
_refine_hist.d_res_low                        25. 
# 
loop_
_refine_ls_restr.type 
_refine_ls_restr.dev_ideal 
_refine_ls_restr.dev_ideal_target 
_refine_ls_restr.weight 
_refine_ls_restr.number 
_refine_ls_restr.pdbx_refine_id 
_refine_ls_restr.pdbx_restraint_function 
c_bond_d                0.008 ? ? ? 'X-RAY DIFFRACTION' ? 
c_bond_d_na             ?     ? ? ? 'X-RAY DIFFRACTION' ? 
c_bond_d_prot           ?     ? ? ? 'X-RAY DIFFRACTION' ? 
c_angle_d               ?     ? ? ? 'X-RAY DIFFRACTION' ? 
c_angle_d_na            ?     ? ? ? 'X-RAY DIFFRACTION' ? 
c_angle_d_prot          ?     ? ? ? 'X-RAY DIFFRACTION' ? 
c_angle_deg             1.31  ? ? ? 'X-RAY DIFFRACTION' ? 
c_angle_deg_na          ?     ? ? ? 'X-RAY DIFFRACTION' ? 
c_angle_deg_prot        ?     ? ? ? 'X-RAY DIFFRACTION' ? 
c_dihedral_angle_d      ?     ? ? ? 'X-RAY DIFFRACTION' ? 
c_dihedral_angle_d_na   ?     ? ? ? 'X-RAY DIFFRACTION' ? 
c_dihedral_angle_d_prot ?     ? ? ? 'X-RAY DIFFRACTION' ? 
c_improper_angle_d      ?     ? ? ? 'X-RAY DIFFRACTION' ? 
c_improper_angle_d_na   ?     ? ? ? 'X-RAY DIFFRACTION' ? 
c_improper_angle_d_prot ?     ? ? ? 'X-RAY DIFFRACTION' ? 
c_mcbond_it             ?     ? ? ? 'X-RAY DIFFRACTION' ? 
c_mcangle_it            ?     ? ? ? 'X-RAY DIFFRACTION' ? 
c_scbond_it             ?     ? ? ? 'X-RAY DIFFRACTION' ? 
c_scangle_it            ?     ? ? ? 'X-RAY DIFFRACTION' ? 
# 
loop_
_pdbx_xplor_file.pdbx_refine_id 
_pdbx_xplor_file.serial_no 
_pdbx_xplor_file.param_file 
_pdbx_xplor_file.topol_file 
'X-RAY DIFFRACTION' 1 PROTEIN_REP.PARAM PROTEIN.TOP 
'X-RAY DIFFRACTION' 2 WATER_REP.PARAM   WATER.TOP   
'X-RAY DIFFRACTION' 3 CIS_PEPTIDE.PARAM ?           
# 
_struct.entry_id                  1H75 
_struct.title                     
'Structural basis for the thioredoxin-like activity profile of the glutaredoxin-like protein NrdH-redoxin from Escherichia coli.' 
_struct.pdbx_model_details        ? 
_struct.pdbx_CASP_flag            ? 
_struct.pdbx_model_type_details   ? 
# 
_struct_keywords.entry_id        1H75 
_struct_keywords.pdbx_keywords   'ELECTRON TRANSPORT' 
_struct_keywords.text            'ELECTRON TRANSPORT, NRDH, THIOREDOXIN, GLUTAREDOXIN, REDOX PROTEIN' 
# 
loop_
_struct_asym.id 
_struct_asym.pdbx_blank_PDB_chainid_flag 
_struct_asym.pdbx_modified 
_struct_asym.entity_id 
_struct_asym.details 
A N N 1 ? 
B N N 2 ? 
# 
_struct_ref.id                         1 
_struct_ref.db_name                    UNP 
_struct_ref.db_code                    NRDH_ECOLI 
_struct_ref.entity_id                  1 
_struct_ref.pdbx_seq_one_letter_code   ? 
_struct_ref.pdbx_align_begin           ? 
_struct_ref.pdbx_db_accession          Q47414 
_struct_ref.pdbx_db_isoform            ? 
# 
_struct_ref_seq.align_id                      1 
_struct_ref_seq.ref_id                        1 
_struct_ref_seq.pdbx_PDB_id_code              1H75 
_struct_ref_seq.pdbx_strand_id                A 
_struct_ref_seq.seq_align_beg                 1 
_struct_ref_seq.pdbx_seq_align_beg_ins_code   ? 
_struct_ref_seq.seq_align_end                 81 
_struct_ref_seq.pdbx_seq_align_end_ins_code   ? 
_struct_ref_seq.pdbx_db_accession             Q47414 
_struct_ref_seq.db_align_beg                  1 
_struct_ref_seq.pdbx_db_align_beg_ins_code    ? 
_struct_ref_seq.db_align_end                  81 
_struct_ref_seq.pdbx_db_align_end_ins_code    ? 
_struct_ref_seq.pdbx_auth_seq_align_beg       1 
_struct_ref_seq.pdbx_auth_seq_align_end       81 
# 
_pdbx_struct_assembly.id                   1 
_pdbx_struct_assembly.details              author_and_software_defined_assembly 
_pdbx_struct_assembly.method_details       PQS 
_pdbx_struct_assembly.oligomeric_details   monomeric 
_pdbx_struct_assembly.oligomeric_count     1 
# 
_pdbx_struct_assembly_gen.assembly_id       1 
_pdbx_struct_assembly_gen.oper_expression   1 
_pdbx_struct_assembly_gen.asym_id_list      A,B 
# 
_pdbx_struct_oper_list.id                   1 
_pdbx_struct_oper_list.type                 'identity operation' 
_pdbx_struct_oper_list.name                 1_555 
_pdbx_struct_oper_list.symmetry_operation   x,y,z 
_pdbx_struct_oper_list.matrix[1][1]         1.0000000000 
_pdbx_struct_oper_list.matrix[1][2]         0.0000000000 
_pdbx_struct_oper_list.matrix[1][3]         0.0000000000 
_pdbx_struct_oper_list.vector[1]            0.0000000000 
_pdbx_struct_oper_list.matrix[2][1]         0.0000000000 
_pdbx_struct_oper_list.matrix[2][2]         1.0000000000 
_pdbx_struct_oper_list.matrix[2][3]         0.0000000000 
_pdbx_struct_oper_list.vector[2]            0.0000000000 
_pdbx_struct_oper_list.matrix[3][1]         0.0000000000 
_pdbx_struct_oper_list.matrix[3][2]         0.0000000000 
_pdbx_struct_oper_list.matrix[3][3]         1.0000000000 
_pdbx_struct_oper_list.vector[3]            0.0000000000 
# 
_struct_biol.id   1 
# 
loop_
_struct_conf.conf_type_id 
_struct_conf.id 
_struct_conf.pdbx_PDB_helix_id 
_struct_conf.beg_label_comp_id 
_struct_conf.beg_label_asym_id 
_struct_conf.beg_label_seq_id 
_struct_conf.pdbx_beg_PDB_ins_code 
_struct_conf.end_label_comp_id 
_struct_conf.end_label_asym_id 
_struct_conf.end_label_seq_id 
_struct_conf.pdbx_end_PDB_ins_code 
_struct_conf.beg_auth_comp_id 
_struct_conf.beg_auth_asym_id 
_struct_conf.beg_auth_seq_id 
_struct_conf.end_auth_comp_id 
_struct_conf.end_auth_asym_id 
_struct_conf.end_auth_seq_id 
_struct_conf.pdbx_PDB_helix_class 
_struct_conf.details 
_struct_conf.pdbx_PDB_helix_length 
HELX_P HELX_P1 1 CYS A 11 ? ARG A 24 ? CYS A 11 ARG A 24 1 ? 14 
HELX_P HELX_P2 2 VAL A 36 ? GLN A 46 ? VAL A 36 GLN A 46 1 ? 11 
HELX_P HELX_P3 3 ARG A 65 ? ASN A 70 ? ARG A 65 ASN A 70 1 ? 6  
HELX_P HELX_P4 4 ARG A 71 ? HIS A 73 ? ARG A 71 HIS A 73 5 ? 3  
# 
_struct_conf_type.id          HELX_P 
_struct_conf_type.criteria    ? 
_struct_conf_type.reference   ? 
# 
_struct_conn.id                            disulf1 
_struct_conn.conn_type_id                  disulf 
_struct_conn.pdbx_leaving_atom_flag        ? 
_struct_conn.pdbx_PDB_id                   ? 
_struct_conn.ptnr1_label_asym_id           A 
_struct_conn.ptnr1_label_comp_id           CYS 
_struct_conn.ptnr1_label_seq_id            11 
_struct_conn.ptnr1_label_atom_id           SG 
_struct_conn.pdbx_ptnr1_label_alt_id       ? 
_struct_conn.pdbx_ptnr1_PDB_ins_code       ? 
_struct_conn.pdbx_ptnr1_standard_comp_id   ? 
_struct_conn.ptnr1_symmetry                1_555 
_struct_conn.ptnr2_label_asym_id           A 
_struct_conn.ptnr2_label_comp_id           CYS 
_struct_conn.ptnr2_label_seq_id            14 
_struct_conn.ptnr2_label_atom_id           SG 
_struct_conn.pdbx_ptnr2_label_alt_id       ? 
_struct_conn.pdbx_ptnr2_PDB_ins_code       ? 
_struct_conn.ptnr1_auth_asym_id            A 
_struct_conn.ptnr1_auth_comp_id            CYS 
_struct_conn.ptnr1_auth_seq_id             11 
_struct_conn.ptnr2_auth_asym_id            A 
_struct_conn.ptnr2_auth_comp_id            CYS 
_struct_conn.ptnr2_auth_seq_id             14 
_struct_conn.ptnr2_symmetry                1_555 
_struct_conn.pdbx_ptnr3_label_atom_id      ? 
_struct_conn.pdbx_ptnr3_label_seq_id       ? 
_struct_conn.pdbx_ptnr3_label_comp_id      ? 
_struct_conn.pdbx_ptnr3_label_asym_id      ? 
_struct_conn.pdbx_ptnr3_label_alt_id       ? 
_struct_conn.pdbx_ptnr3_PDB_ins_code       ? 
_struct_conn.details                       ? 
_struct_conn.pdbx_dist_value               2.058 
_struct_conn.pdbx_value_order              ? 
_struct_conn.pdbx_role                     ? 
# 
_struct_conn_type.id          disulf 
_struct_conn_type.criteria    ? 
_struct_conn_type.reference   ? 
# 
_pdbx_modification_feature.ordinal                            1 
_pdbx_modification_feature.label_comp_id                      CYS 
_pdbx_modification_feature.label_asym_id                      A 
_pdbx_modification_feature.label_seq_id                       11 
_pdbx_modification_feature.label_alt_id                       ? 
_pdbx_modification_feature.modified_residue_label_comp_id     CYS 
_pdbx_modification_feature.modified_residue_label_asym_id     A 
_pdbx_modification_feature.modified_residue_label_seq_id      14 
_pdbx_modification_feature.modified_residue_label_alt_id      ? 
_pdbx_modification_feature.auth_comp_id                       CYS 
_pdbx_modification_feature.auth_asym_id                       A 
_pdbx_modification_feature.auth_seq_id                        11 
_pdbx_modification_feature.PDB_ins_code                       ? 
_pdbx_modification_feature.symmetry                           1_555 
_pdbx_modification_feature.modified_residue_auth_comp_id      CYS 
_pdbx_modification_feature.modified_residue_auth_asym_id      A 
_pdbx_modification_feature.modified_residue_auth_seq_id       14 
_pdbx_modification_feature.modified_residue_PDB_ins_code      ? 
_pdbx_modification_feature.modified_residue_symmetry          1_555 
_pdbx_modification_feature.comp_id_linking_atom               SG 
_pdbx_modification_feature.modified_residue_id_linking_atom   SG 
_pdbx_modification_feature.modified_residue_id                . 
_pdbx_modification_feature.ref_pcm_id                         . 
_pdbx_modification_feature.ref_comp_id                        . 
_pdbx_modification_feature.type                               None 
_pdbx_modification_feature.category                           'Disulfide bridge' 
# 
_struct_mon_prot_cis.pdbx_id                1 
_struct_mon_prot_cis.label_comp_id          LEU 
_struct_mon_prot_cis.label_seq_id           51 
_struct_mon_prot_cis.label_asym_id          A 
_struct_mon_prot_cis.label_alt_id           . 
_struct_mon_prot_cis.pdbx_PDB_ins_code      ? 
_struct_mon_prot_cis.auth_comp_id           LEU 
_struct_mon_prot_cis.auth_seq_id            51 
_struct_mon_prot_cis.auth_asym_id           A 
_struct_mon_prot_cis.pdbx_label_comp_id_2   PRO 
_struct_mon_prot_cis.pdbx_label_seq_id_2    52 
_struct_mon_prot_cis.pdbx_label_asym_id_2   A 
_struct_mon_prot_cis.pdbx_PDB_ins_code_2    ? 
_struct_mon_prot_cis.pdbx_auth_comp_id_2    PRO 
_struct_mon_prot_cis.pdbx_auth_seq_id_2     52 
_struct_mon_prot_cis.pdbx_auth_asym_id_2    A 
_struct_mon_prot_cis.pdbx_PDB_model_num     1 
_struct_mon_prot_cis.pdbx_omega_angle       -0.83 
# 
_struct_sheet.id               AA 
_struct_sheet.type             ? 
_struct_sheet.number_strands   4 
_struct_sheet.details          ? 
# 
loop_
_struct_sheet_order.sheet_id 
_struct_sheet_order.range_id_1 
_struct_sheet_order.range_id_2 
_struct_sheet_order.offset 
_struct_sheet_order.sense 
AA 1 2 ? parallel      
AA 2 3 ? anti-parallel 
AA 3 4 ? anti-parallel 
# 
loop_
_struct_sheet_range.sheet_id 
_struct_sheet_range.id 
_struct_sheet_range.beg_label_comp_id 
_struct_sheet_range.beg_label_asym_id 
_struct_sheet_range.beg_label_seq_id 
_struct_sheet_range.pdbx_beg_PDB_ins_code 
_struct_sheet_range.end_label_comp_id 
_struct_sheet_range.end_label_asym_id 
_struct_sheet_range.end_label_seq_id 
_struct_sheet_range.pdbx_end_PDB_ins_code 
_struct_sheet_range.beg_auth_comp_id 
_struct_sheet_range.beg_auth_asym_id 
_struct_sheet_range.beg_auth_seq_id 
_struct_sheet_range.end_auth_comp_id 
_struct_sheet_range.end_auth_asym_id 
_struct_sheet_range.end_auth_seq_id 
AA 1 GLU A 29 ? ASN A 32 ? GLU A 29 ASN A 32 
AA 2 ILE A 3  ? THR A 7  ? ILE A 3  THR A 7  
AA 3 VAL A 53 ? ALA A 56 ? VAL A 53 ALA A 56 
AA 4 LEU A 59 ? SER A 62 ? LEU A 59 SER A 62 
# 
loop_
_pdbx_struct_sheet_hbond.sheet_id 
_pdbx_struct_sheet_hbond.range_id_1 
_pdbx_struct_sheet_hbond.range_id_2 
_pdbx_struct_sheet_hbond.range_1_label_atom_id 
_pdbx_struct_sheet_hbond.range_1_label_comp_id 
_pdbx_struct_sheet_hbond.range_1_label_asym_id 
_pdbx_struct_sheet_hbond.range_1_label_seq_id 
_pdbx_struct_sheet_hbond.range_1_PDB_ins_code 
_pdbx_struct_sheet_hbond.range_1_auth_atom_id 
_pdbx_struct_sheet_hbond.range_1_auth_comp_id 
_pdbx_struct_sheet_hbond.range_1_auth_asym_id 
_pdbx_struct_sheet_hbond.range_1_auth_seq_id 
_pdbx_struct_sheet_hbond.range_2_label_atom_id 
_pdbx_struct_sheet_hbond.range_2_label_comp_id 
_pdbx_struct_sheet_hbond.range_2_label_asym_id 
_pdbx_struct_sheet_hbond.range_2_label_seq_id 
_pdbx_struct_sheet_hbond.range_2_PDB_ins_code 
_pdbx_struct_sheet_hbond.range_2_auth_atom_id 
_pdbx_struct_sheet_hbond.range_2_auth_comp_id 
_pdbx_struct_sheet_hbond.range_2_auth_asym_id 
_pdbx_struct_sheet_hbond.range_2_auth_seq_id 
AA 1 2 N GLU A 29 ? N GLU A 29 O ILE A 3  ? O ILE A 3  
AA 2 3 N TYR A 6  ? N TYR A 6  O VAL A 53 ? O VAL A 53 
AA 3 4 N ALA A 56 ? N ALA A 56 O LEU A 59 ? O LEU A 59 
# 
_pdbx_entry_details.entry_id                   1H75 
_pdbx_entry_details.compound_details           ? 
_pdbx_entry_details.source_details             ? 
_pdbx_entry_details.nonpolymer_details         ? 
_pdbx_entry_details.sequence_details           ? 
_pdbx_entry_details.has_ligand_of_interest     ? 
_pdbx_entry_details.has_protein_modification   Y 
# 
loop_
_pdbx_unobs_or_zero_occ_residues.id 
_pdbx_unobs_or_zero_occ_residues.PDB_model_num 
_pdbx_unobs_or_zero_occ_residues.polymer_flag 
_pdbx_unobs_or_zero_occ_residues.occupancy_flag 
_pdbx_unobs_or_zero_occ_residues.auth_asym_id 
_pdbx_unobs_or_zero_occ_residues.auth_comp_id 
_pdbx_unobs_or_zero_occ_residues.auth_seq_id 
_pdbx_unobs_or_zero_occ_residues.PDB_ins_code 
_pdbx_unobs_or_zero_occ_residues.label_asym_id 
_pdbx_unobs_or_zero_occ_residues.label_comp_id 
_pdbx_unobs_or_zero_occ_residues.label_seq_id 
1 1 Y 1 A HIS 77 ? A HIS 77 
2 1 Y 1 A ALA 78 ? A ALA 78 
3 1 Y 1 A ALA 79 ? A ALA 79 
4 1 Y 1 A SER 80 ? A SER 80 
5 1 Y 1 A ALA 81 ? A ALA 81 
# 
loop_
_chem_comp_atom.comp_id 
_chem_comp_atom.atom_id 
_chem_comp_atom.type_symbol 
_chem_comp_atom.pdbx_aromatic_flag 
_chem_comp_atom.pdbx_stereo_config 
_chem_comp_atom.pdbx_ordinal 
ALA N    N N N 1   
ALA CA   C N S 2   
ALA C    C N N 3   
ALA O    O N N 4   
ALA CB   C N N 5   
ALA OXT  O N N 6   
ALA H    H N N 7   
ALA H2   H N N 8   
ALA HA   H N N 9   
ALA HB1  H N N 10  
ALA HB2  H N N 11  
ALA HB3  H N N 12  
ALA HXT  H N N 13  
ARG N    N N N 14  
ARG CA   C N S 15  
ARG C    C N N 16  
ARG O    O N N 17  
ARG CB   C N N 18  
ARG CG   C N N 19  
ARG CD   C N N 20  
ARG NE   N N N 21  
ARG CZ   C N N 22  
ARG NH1  N N N 23  
ARG NH2  N N N 24  
ARG OXT  O N N 25  
ARG H    H N N 26  
ARG H2   H N N 27  
ARG HA   H N N 28  
ARG HB2  H N N 29  
ARG HB3  H N N 30  
ARG HG2  H N N 31  
ARG HG3  H N N 32  
ARG HD2  H N N 33  
ARG HD3  H N N 34  
ARG HE   H N N 35  
ARG HH11 H N N 36  
ARG HH12 H N N 37  
ARG HH21 H N N 38  
ARG HH22 H N N 39  
ARG HXT  H N N 40  
ASN N    N N N 41  
ASN CA   C N S 42  
ASN C    C N N 43  
ASN O    O N N 44  
ASN CB   C N N 45  
ASN CG   C N N 46  
ASN OD1  O N N 47  
ASN ND2  N N N 48  
ASN OXT  O N N 49  
ASN H    H N N 50  
ASN H2   H N N 51  
ASN HA   H N N 52  
ASN HB2  H N N 53  
ASN HB3  H N N 54  
ASN HD21 H N N 55  
ASN HD22 H N N 56  
ASN HXT  H N N 57  
ASP N    N N N 58  
ASP CA   C N S 59  
ASP C    C N N 60  
ASP O    O N N 61  
ASP CB   C N N 62  
ASP CG   C N N 63  
ASP OD1  O N N 64  
ASP OD2  O N N 65  
ASP OXT  O N N 66  
ASP H    H N N 67  
ASP H2   H N N 68  
ASP HA   H N N 69  
ASP HB2  H N N 70  
ASP HB3  H N N 71  
ASP HD2  H N N 72  
ASP HXT  H N N 73  
CYS N    N N N 74  
CYS CA   C N R 75  
CYS C    C N N 76  
CYS O    O N N 77  
CYS CB   C N N 78  
CYS SG   S N N 79  
CYS OXT  O N N 80  
CYS H    H N N 81  
CYS H2   H N N 82  
CYS HA   H N N 83  
CYS HB2  H N N 84  
CYS HB3  H N N 85  
CYS HG   H N N 86  
CYS HXT  H N N 87  
GLN N    N N N 88  
GLN CA   C N S 89  
GLN C    C N N 90  
GLN O    O N N 91  
GLN CB   C N N 92  
GLN CG   C N N 93  
GLN CD   C N N 94  
GLN OE1  O N N 95  
GLN NE2  N N N 96  
GLN OXT  O N N 97  
GLN H    H N N 98  
GLN H2   H N N 99  
GLN HA   H N N 100 
GLN HB2  H N N 101 
GLN HB3  H N N 102 
GLN HG2  H N N 103 
GLN HG3  H N N 104 
GLN HE21 H N N 105 
GLN HE22 H N N 106 
GLN HXT  H N N 107 
GLU N    N N N 108 
GLU CA   C N S 109 
GLU C    C N N 110 
GLU O    O N N 111 
GLU CB   C N N 112 
GLU CG   C N N 113 
GLU CD   C N N 114 
GLU OE1  O N N 115 
GLU OE2  O N N 116 
GLU OXT  O N N 117 
GLU H    H N N 118 
GLU H2   H N N 119 
GLU HA   H N N 120 
GLU HB2  H N N 121 
GLU HB3  H N N 122 
GLU HG2  H N N 123 
GLU HG3  H N N 124 
GLU HE2  H N N 125 
GLU HXT  H N N 126 
GLY N    N N N 127 
GLY CA   C N N 128 
GLY C    C N N 129 
GLY O    O N N 130 
GLY OXT  O N N 131 
GLY H    H N N 132 
GLY H2   H N N 133 
GLY HA2  H N N 134 
GLY HA3  H N N 135 
GLY HXT  H N N 136 
HIS N    N N N 137 
HIS CA   C N S 138 
HIS C    C N N 139 
HIS O    O N N 140 
HIS CB   C N N 141 
HIS CG   C Y N 142 
HIS ND1  N Y N 143 
HIS CD2  C Y N 144 
HIS CE1  C Y N 145 
HIS NE2  N Y N 146 
HIS OXT  O N N 147 
HIS H    H N N 148 
HIS H2   H N N 149 
HIS HA   H N N 150 
HIS HB2  H N N 151 
HIS HB3  H N N 152 
HIS HD1  H N N 153 
HIS HD2  H N N 154 
HIS HE1  H N N 155 
HIS HE2  H N N 156 
HIS HXT  H N N 157 
HOH O    O N N 158 
HOH H1   H N N 159 
HOH H2   H N N 160 
ILE N    N N N 161 
ILE CA   C N S 162 
ILE C    C N N 163 
ILE O    O N N 164 
ILE CB   C N S 165 
ILE CG1  C N N 166 
ILE CG2  C N N 167 
ILE CD1  C N N 168 
ILE OXT  O N N 169 
ILE H    H N N 170 
ILE H2   H N N 171 
ILE HA   H N N 172 
ILE HB   H N N 173 
ILE HG12 H N N 174 
ILE HG13 H N N 175 
ILE HG21 H N N 176 
ILE HG22 H N N 177 
ILE HG23 H N N 178 
ILE HD11 H N N 179 
ILE HD12 H N N 180 
ILE HD13 H N N 181 
ILE HXT  H N N 182 
LEU N    N N N 183 
LEU CA   C N S 184 
LEU C    C N N 185 
LEU O    O N N 186 
LEU CB   C N N 187 
LEU CG   C N N 188 
LEU CD1  C N N 189 
LEU CD2  C N N 190 
LEU OXT  O N N 191 
LEU H    H N N 192 
LEU H2   H N N 193 
LEU HA   H N N 194 
LEU HB2  H N N 195 
LEU HB3  H N N 196 
LEU HG   H N N 197 
LEU HD11 H N N 198 
LEU HD12 H N N 199 
LEU HD13 H N N 200 
LEU HD21 H N N 201 
LEU HD22 H N N 202 
LEU HD23 H N N 203 
LEU HXT  H N N 204 
LYS N    N N N 205 
LYS CA   C N S 206 
LYS C    C N N 207 
LYS O    O N N 208 
LYS CB   C N N 209 
LYS CG   C N N 210 
LYS CD   C N N 211 
LYS CE   C N N 212 
LYS NZ   N N N 213 
LYS OXT  O N N 214 
LYS H    H N N 215 
LYS H2   H N N 216 
LYS HA   H N N 217 
LYS HB2  H N N 218 
LYS HB3  H N N 219 
LYS HG2  H N N 220 
LYS HG3  H N N 221 
LYS HD2  H N N 222 
LYS HD3  H N N 223 
LYS HE2  H N N 224 
LYS HE3  H N N 225 
LYS HZ1  H N N 226 
LYS HZ2  H N N 227 
LYS HZ3  H N N 228 
LYS HXT  H N N 229 
MET N    N N N 230 
MET CA   C N S 231 
MET C    C N N 232 
MET O    O N N 233 
MET CB   C N N 234 
MET CG   C N N 235 
MET SD   S N N 236 
MET CE   C N N 237 
MET OXT  O N N 238 
MET H    H N N 239 
MET H2   H N N 240 
MET HA   H N N 241 
MET HB2  H N N 242 
MET HB3  H N N 243 
MET HG2  H N N 244 
MET HG3  H N N 245 
MET HE1  H N N 246 
MET HE2  H N N 247 
MET HE3  H N N 248 
MET HXT  H N N 249 
PHE N    N N N 250 
PHE CA   C N S 251 
PHE C    C N N 252 
PHE O    O N N 253 
PHE CB   C N N 254 
PHE CG   C Y N 255 
PHE CD1  C Y N 256 
PHE CD2  C Y N 257 
PHE CE1  C Y N 258 
PHE CE2  C Y N 259 
PHE CZ   C Y N 260 
PHE OXT  O N N 261 
PHE H    H N N 262 
PHE H2   H N N 263 
PHE HA   H N N 264 
PHE HB2  H N N 265 
PHE HB3  H N N 266 
PHE HD1  H N N 267 
PHE HD2  H N N 268 
PHE HE1  H N N 269 
PHE HE2  H N N 270 
PHE HZ   H N N 271 
PHE HXT  H N N 272 
PRO N    N N N 273 
PRO CA   C N S 274 
PRO C    C N N 275 
PRO O    O N N 276 
PRO CB   C N N 277 
PRO CG   C N N 278 
PRO CD   C N N 279 
PRO OXT  O N N 280 
PRO H    H N N 281 
PRO HA   H N N 282 
PRO HB2  H N N 283 
PRO HB3  H N N 284 
PRO HG2  H N N 285 
PRO HG3  H N N 286 
PRO HD2  H N N 287 
PRO HD3  H N N 288 
PRO HXT  H N N 289 
SER N    N N N 290 
SER CA   C N S 291 
SER C    C N N 292 
SER O    O N N 293 
SER CB   C N N 294 
SER OG   O N N 295 
SER OXT  O N N 296 
SER H    H N N 297 
SER H2   H N N 298 
SER HA   H N N 299 
SER HB2  H N N 300 
SER HB3  H N N 301 
SER HG   H N N 302 
SER HXT  H N N 303 
THR N    N N N 304 
THR CA   C N S 305 
THR C    C N N 306 
THR O    O N N 307 
THR CB   C N R 308 
THR OG1  O N N 309 
THR CG2  C N N 310 
THR OXT  O N N 311 
THR H    H N N 312 
THR H2   H N N 313 
THR HA   H N N 314 
THR HB   H N N 315 
THR HG1  H N N 316 
THR HG21 H N N 317 
THR HG22 H N N 318 
THR HG23 H N N 319 
THR HXT  H N N 320 
TRP N    N N N 321 
TRP CA   C N S 322 
TRP C    C N N 323 
TRP O    O N N 324 
TRP CB   C N N 325 
TRP CG   C Y N 326 
TRP CD1  C Y N 327 
TRP CD2  C Y N 328 
TRP NE1  N Y N 329 
TRP CE2  C Y N 330 
TRP CE3  C Y N 331 
TRP CZ2  C Y N 332 
TRP CZ3  C Y N 333 
TRP CH2  C Y N 334 
TRP OXT  O N N 335 
TRP H    H N N 336 
TRP H2   H N N 337 
TRP HA   H N N 338 
TRP HB2  H N N 339 
TRP HB3  H N N 340 
TRP HD1  H N N 341 
TRP HE1  H N N 342 
TRP HE3  H N N 343 
TRP HZ2  H N N 344 
TRP HZ3  H N N 345 
TRP HH2  H N N 346 
TRP HXT  H N N 347 
TYR N    N N N 348 
TYR CA   C N S 349 
TYR C    C N N 350 
TYR O    O N N 351 
TYR CB   C N N 352 
TYR CG   C Y N 353 
TYR CD1  C Y N 354 
TYR CD2  C Y N 355 
TYR CE1  C Y N 356 
TYR CE2  C Y N 357 
TYR CZ   C Y N 358 
TYR OH   O N N 359 
TYR OXT  O N N 360 
TYR H    H N N 361 
TYR H2   H N N 362 
TYR HA   H N N 363 
TYR HB2  H N N 364 
TYR HB3  H N N 365 
TYR HD1  H N N 366 
TYR HD2  H N N 367 
TYR HE1  H N N 368 
TYR HE2  H N N 369 
TYR HH   H N N 370 
TYR HXT  H N N 371 
VAL N    N N N 372 
VAL CA   C N S 373 
VAL C    C N N 374 
VAL O    O N N 375 
VAL CB   C N N 376 
VAL CG1  C N N 377 
VAL CG2  C N N 378 
VAL OXT  O N N 379 
VAL H    H N N 380 
VAL H2   H N N 381 
VAL HA   H N N 382 
VAL HB   H N N 383 
VAL HG11 H N N 384 
VAL HG12 H N N 385 
VAL HG13 H N N 386 
VAL HG21 H N N 387 
VAL HG22 H N N 388 
VAL HG23 H N N 389 
VAL HXT  H N N 390 
# 
loop_
_chem_comp_bond.comp_id 
_chem_comp_bond.atom_id_1 
_chem_comp_bond.atom_id_2 
_chem_comp_bond.value_order 
_chem_comp_bond.pdbx_aromatic_flag 
_chem_comp_bond.pdbx_stereo_config 
_chem_comp_bond.pdbx_ordinal 
ALA N   CA   sing N N 1   
ALA N   H    sing N N 2   
ALA N   H2   sing N N 3   
ALA CA  C    sing N N 4   
ALA CA  CB   sing N N 5   
ALA CA  HA   sing N N 6   
ALA C   O    doub N N 7   
ALA C   OXT  sing N N 8   
ALA CB  HB1  sing N N 9   
ALA CB  HB2  sing N N 10  
ALA CB  HB3  sing N N 11  
ALA OXT HXT  sing N N 12  
ARG N   CA   sing N N 13  
ARG N   H    sing N N 14  
ARG N   H2   sing N N 15  
ARG CA  C    sing N N 16  
ARG CA  CB   sing N N 17  
ARG CA  HA   sing N N 18  
ARG C   O    doub N N 19  
ARG C   OXT  sing N N 20  
ARG CB  CG   sing N N 21  
ARG CB  HB2  sing N N 22  
ARG CB  HB3  sing N N 23  
ARG CG  CD   sing N N 24  
ARG CG  HG2  sing N N 25  
ARG CG  HG3  sing N N 26  
ARG CD  NE   sing N N 27  
ARG CD  HD2  sing N N 28  
ARG CD  HD3  sing N N 29  
ARG NE  CZ   sing N N 30  
ARG NE  HE   sing N N 31  
ARG CZ  NH1  sing N N 32  
ARG CZ  NH2  doub N N 33  
ARG NH1 HH11 sing N N 34  
ARG NH1 HH12 sing N N 35  
ARG NH2 HH21 sing N N 36  
ARG NH2 HH22 sing N N 37  
ARG OXT HXT  sing N N 38  
ASN N   CA   sing N N 39  
ASN N   H    sing N N 40  
ASN N   H2   sing N N 41  
ASN CA  C    sing N N 42  
ASN CA  CB   sing N N 43  
ASN CA  HA   sing N N 44  
ASN C   O    doub N N 45  
ASN C   OXT  sing N N 46  
ASN CB  CG   sing N N 47  
ASN CB  HB2  sing N N 48  
ASN CB  HB3  sing N N 49  
ASN CG  OD1  doub N N 50  
ASN CG  ND2  sing N N 51  
ASN ND2 HD21 sing N N 52  
ASN ND2 HD22 sing N N 53  
ASN OXT HXT  sing N N 54  
ASP N   CA   sing N N 55  
ASP N   H    sing N N 56  
ASP N   H2   sing N N 57  
ASP CA  C    sing N N 58  
ASP CA  CB   sing N N 59  
ASP CA  HA   sing N N 60  
ASP C   O    doub N N 61  
ASP C   OXT  sing N N 62  
ASP CB  CG   sing N N 63  
ASP CB  HB2  sing N N 64  
ASP CB  HB3  sing N N 65  
ASP CG  OD1  doub N N 66  
ASP CG  OD2  sing N N 67  
ASP OD2 HD2  sing N N 68  
ASP OXT HXT  sing N N 69  
CYS N   CA   sing N N 70  
CYS N   H    sing N N 71  
CYS N   H2   sing N N 72  
CYS CA  C    sing N N 73  
CYS CA  CB   sing N N 74  
CYS CA  HA   sing N N 75  
CYS C   O    doub N N 76  
CYS C   OXT  sing N N 77  
CYS CB  SG   sing N N 78  
CYS CB  HB2  sing N N 79  
CYS CB  HB3  sing N N 80  
CYS SG  HG   sing N N 81  
CYS OXT HXT  sing N N 82  
GLN N   CA   sing N N 83  
GLN N   H    sing N N 84  
GLN N   H2   sing N N 85  
GLN CA  C    sing N N 86  
GLN CA  CB   sing N N 87  
GLN CA  HA   sing N N 88  
GLN C   O    doub N N 89  
GLN C   OXT  sing N N 90  
GLN CB  CG   sing N N 91  
GLN CB  HB2  sing N N 92  
GLN CB  HB3  sing N N 93  
GLN CG  CD   sing N N 94  
GLN CG  HG2  sing N N 95  
GLN CG  HG3  sing N N 96  
GLN CD  OE1  doub N N 97  
GLN CD  NE2  sing N N 98  
GLN NE2 HE21 sing N N 99  
GLN NE2 HE22 sing N N 100 
GLN OXT HXT  sing N N 101 
GLU N   CA   sing N N 102 
GLU N   H    sing N N 103 
GLU N   H2   sing N N 104 
GLU CA  C    sing N N 105 
GLU CA  CB   sing N N 106 
GLU CA  HA   sing N N 107 
GLU C   O    doub N N 108 
GLU C   OXT  sing N N 109 
GLU CB  CG   sing N N 110 
GLU CB  HB2  sing N N 111 
GLU CB  HB3  sing N N 112 
GLU CG  CD   sing N N 113 
GLU CG  HG2  sing N N 114 
GLU CG  HG3  sing N N 115 
GLU CD  OE1  doub N N 116 
GLU CD  OE2  sing N N 117 
GLU OE2 HE2  sing N N 118 
GLU OXT HXT  sing N N 119 
GLY N   CA   sing N N 120 
GLY N   H    sing N N 121 
GLY N   H2   sing N N 122 
GLY CA  C    sing N N 123 
GLY CA  HA2  sing N N 124 
GLY CA  HA3  sing N N 125 
GLY C   O    doub N N 126 
GLY C   OXT  sing N N 127 
GLY OXT HXT  sing N N 128 
HIS N   CA   sing N N 129 
HIS N   H    sing N N 130 
HIS N   H2   sing N N 131 
HIS CA  C    sing N N 132 
HIS CA  CB   sing N N 133 
HIS CA  HA   sing N N 134 
HIS C   O    doub N N 135 
HIS C   OXT  sing N N 136 
HIS CB  CG   sing N N 137 
HIS CB  HB2  sing N N 138 
HIS CB  HB3  sing N N 139 
HIS CG  ND1  sing Y N 140 
HIS CG  CD2  doub Y N 141 
HIS ND1 CE1  doub Y N 142 
HIS ND1 HD1  sing N N 143 
HIS CD2 NE2  sing Y N 144 
HIS CD2 HD2  sing N N 145 
HIS CE1 NE2  sing Y N 146 
HIS CE1 HE1  sing N N 147 
HIS NE2 HE2  sing N N 148 
HIS OXT HXT  sing N N 149 
HOH O   H1   sing N N 150 
HOH O   H2   sing N N 151 
ILE N   CA   sing N N 152 
ILE N   H    sing N N 153 
ILE N   H2   sing N N 154 
ILE CA  C    sing N N 155 
ILE CA  CB   sing N N 156 
ILE CA  HA   sing N N 157 
ILE C   O    doub N N 158 
ILE C   OXT  sing N N 159 
ILE CB  CG1  sing N N 160 
ILE CB  CG2  sing N N 161 
ILE CB  HB   sing N N 162 
ILE CG1 CD1  sing N N 163 
ILE CG1 HG12 sing N N 164 
ILE CG1 HG13 sing N N 165 
ILE CG2 HG21 sing N N 166 
ILE CG2 HG22 sing N N 167 
ILE CG2 HG23 sing N N 168 
ILE CD1 HD11 sing N N 169 
ILE CD1 HD12 sing N N 170 
ILE CD1 HD13 sing N N 171 
ILE OXT HXT  sing N N 172 
LEU N   CA   sing N N 173 
LEU N   H    sing N N 174 
LEU N   H2   sing N N 175 
LEU CA  C    sing N N 176 
LEU CA  CB   sing N N 177 
LEU CA  HA   sing N N 178 
LEU C   O    doub N N 179 
LEU C   OXT  sing N N 180 
LEU CB  CG   sing N N 181 
LEU CB  HB2  sing N N 182 
LEU CB  HB3  sing N N 183 
LEU CG  CD1  sing N N 184 
LEU CG  CD2  sing N N 185 
LEU CG  HG   sing N N 186 
LEU CD1 HD11 sing N N 187 
LEU CD1 HD12 sing N N 188 
LEU CD1 HD13 sing N N 189 
LEU CD2 HD21 sing N N 190 
LEU CD2 HD22 sing N N 191 
LEU CD2 HD23 sing N N 192 
LEU OXT HXT  sing N N 193 
LYS N   CA   sing N N 194 
LYS N   H    sing N N 195 
LYS N   H2   sing N N 196 
LYS CA  C    sing N N 197 
LYS CA  CB   sing N N 198 
LYS CA  HA   sing N N 199 
LYS C   O    doub N N 200 
LYS C   OXT  sing N N 201 
LYS CB  CG   sing N N 202 
LYS CB  HB2  sing N N 203 
LYS CB  HB3  sing N N 204 
LYS CG  CD   sing N N 205 
LYS CG  HG2  sing N N 206 
LYS CG  HG3  sing N N 207 
LYS CD  CE   sing N N 208 
LYS CD  HD2  sing N N 209 
LYS CD  HD3  sing N N 210 
LYS CE  NZ   sing N N 211 
LYS CE  HE2  sing N N 212 
LYS CE  HE3  sing N N 213 
LYS NZ  HZ1  sing N N 214 
LYS NZ  HZ2  sing N N 215 
LYS NZ  HZ3  sing N N 216 
LYS OXT HXT  sing N N 217 
MET N   CA   sing N N 218 
MET N   H    sing N N 219 
MET N   H2   sing N N 220 
MET CA  C    sing N N 221 
MET CA  CB   sing N N 222 
MET CA  HA   sing N N 223 
MET C   O    doub N N 224 
MET C   OXT  sing N N 225 
MET CB  CG   sing N N 226 
MET CB  HB2  sing N N 227 
MET CB  HB3  sing N N 228 
MET CG  SD   sing N N 229 
MET CG  HG2  sing N N 230 
MET CG  HG3  sing N N 231 
MET SD  CE   sing N N 232 
MET CE  HE1  sing N N 233 
MET CE  HE2  sing N N 234 
MET CE  HE3  sing N N 235 
MET OXT HXT  sing N N 236 
PHE N   CA   sing N N 237 
PHE N   H    sing N N 238 
PHE N   H2   sing N N 239 
PHE CA  C    sing N N 240 
PHE CA  CB   sing N N 241 
PHE CA  HA   sing N N 242 
PHE C   O    doub N N 243 
PHE C   OXT  sing N N 244 
PHE CB  CG   sing N N 245 
PHE CB  HB2  sing N N 246 
PHE CB  HB3  sing N N 247 
PHE CG  CD1  doub Y N 248 
PHE CG  CD2  sing Y N 249 
PHE CD1 CE1  sing Y N 250 
PHE CD1 HD1  sing N N 251 
PHE CD2 CE2  doub Y N 252 
PHE CD2 HD2  sing N N 253 
PHE CE1 CZ   doub Y N 254 
PHE CE1 HE1  sing N N 255 
PHE CE2 CZ   sing Y N 256 
PHE CE2 HE2  sing N N 257 
PHE CZ  HZ   sing N N 258 
PHE OXT HXT  sing N N 259 
PRO N   CA   sing N N 260 
PRO N   CD   sing N N 261 
PRO N   H    sing N N 262 
PRO CA  C    sing N N 263 
PRO CA  CB   sing N N 264 
PRO CA  HA   sing N N 265 
PRO C   O    doub N N 266 
PRO C   OXT  sing N N 267 
PRO CB  CG   sing N N 268 
PRO CB  HB2  sing N N 269 
PRO CB  HB3  sing N N 270 
PRO CG  CD   sing N N 271 
PRO CG  HG2  sing N N 272 
PRO CG  HG3  sing N N 273 
PRO CD  HD2  sing N N 274 
PRO CD  HD3  sing N N 275 
PRO OXT HXT  sing N N 276 
SER N   CA   sing N N 277 
SER N   H    sing N N 278 
SER N   H2   sing N N 279 
SER CA  C    sing N N 280 
SER CA  CB   sing N N 281 
SER CA  HA   sing N N 282 
SER C   O    doub N N 283 
SER C   OXT  sing N N 284 
SER CB  OG   sing N N 285 
SER CB  HB2  sing N N 286 
SER CB  HB3  sing N N 287 
SER OG  HG   sing N N 288 
SER OXT HXT  sing N N 289 
THR N   CA   sing N N 290 
THR N   H    sing N N 291 
THR N   H2   sing N N 292 
THR CA  C    sing N N 293 
THR CA  CB   sing N N 294 
THR CA  HA   sing N N 295 
THR C   O    doub N N 296 
THR C   OXT  sing N N 297 
THR CB  OG1  sing N N 298 
THR CB  CG2  sing N N 299 
THR CB  HB   sing N N 300 
THR OG1 HG1  sing N N 301 
THR CG2 HG21 sing N N 302 
THR CG2 HG22 sing N N 303 
THR CG2 HG23 sing N N 304 
THR OXT HXT  sing N N 305 
TRP N   CA   sing N N 306 
TRP N   H    sing N N 307 
TRP N   H2   sing N N 308 
TRP CA  C    sing N N 309 
TRP CA  CB   sing N N 310 
TRP CA  HA   sing N N 311 
TRP C   O    doub N N 312 
TRP C   OXT  sing N N 313 
TRP CB  CG   sing N N 314 
TRP CB  HB2  sing N N 315 
TRP CB  HB3  sing N N 316 
TRP CG  CD1  doub Y N 317 
TRP CG  CD2  sing Y N 318 
TRP CD1 NE1  sing Y N 319 
TRP CD1 HD1  sing N N 320 
TRP CD2 CE2  doub Y N 321 
TRP CD2 CE3  sing Y N 322 
TRP NE1 CE2  sing Y N 323 
TRP NE1 HE1  sing N N 324 
TRP CE2 CZ2  sing Y N 325 
TRP CE3 CZ3  doub Y N 326 
TRP CE3 HE3  sing N N 327 
TRP CZ2 CH2  doub Y N 328 
TRP CZ2 HZ2  sing N N 329 
TRP CZ3 CH2  sing Y N 330 
TRP CZ3 HZ3  sing N N 331 
TRP CH2 HH2  sing N N 332 
TRP OXT HXT  sing N N 333 
TYR N   CA   sing N N 334 
TYR N   H    sing N N 335 
TYR N   H2   sing N N 336 
TYR CA  C    sing N N 337 
TYR CA  CB   sing N N 338 
TYR CA  HA   sing N N 339 
TYR C   O    doub N N 340 
TYR C   OXT  sing N N 341 
TYR CB  CG   sing N N 342 
TYR CB  HB2  sing N N 343 
TYR CB  HB3  sing N N 344 
TYR CG  CD1  doub Y N 345 
TYR CG  CD2  sing Y N 346 
TYR CD1 CE1  sing Y N 347 
TYR CD1 HD1  sing N N 348 
TYR CD2 CE2  doub Y N 349 
TYR CD2 HD2  sing N N 350 
TYR CE1 CZ   doub Y N 351 
TYR CE1 HE1  sing N N 352 
TYR CE2 CZ   sing Y N 353 
TYR CE2 HE2  sing N N 354 
TYR CZ  OH   sing N N 355 
TYR OH  HH   sing N N 356 
TYR OXT HXT  sing N N 357 
VAL N   CA   sing N N 358 
VAL N   H    sing N N 359 
VAL N   H2   sing N N 360 
VAL CA  C    sing N N 361 
VAL CA  CB   sing N N 362 
VAL CA  HA   sing N N 363 
VAL C   O    doub N N 364 
VAL C   OXT  sing N N 365 
VAL CB  CG1  sing N N 366 
VAL CB  CG2  sing N N 367 
VAL CB  HB   sing N N 368 
VAL CG1 HG11 sing N N 369 
VAL CG1 HG12 sing N N 370 
VAL CG1 HG13 sing N N 371 
VAL CG2 HG21 sing N N 372 
VAL CG2 HG22 sing N N 373 
VAL CG2 HG23 sing N N 374 
VAL OXT HXT  sing N N 375 
# 
_atom_sites.entry_id                    1H75 
_atom_sites.fract_transf_matrix[1][1]   0.00203494 
_atom_sites.fract_transf_matrix[1][2]   0.03200289 
_atom_sites.fract_transf_matrix[1][3]   -0.00148749 
_atom_sites.fract_transf_matrix[2][1]   -0.00451564 
_atom_sites.fract_transf_matrix[2][2]   0.00138964 
_atom_sites.fract_transf_matrix[2][3]   0.02372004 
_atom_sites.fract_transf_matrix[3][1]   0.01671039 
_atom_sites.fract_transf_matrix[3][2]   -0.00091220 
_atom_sites.fract_transf_matrix[3][3]   0.00323464 
_atom_sites.fract_transf_vector[1]      0.093175 
_atom_sites.fract_transf_vector[2]      0.475049 
_atom_sites.fract_transf_vector[3]      0.118001 
# 
loop_
_atom_type.symbol 
C 
N 
O 
S 
# 
loop_
_atom_site.group_PDB 
_atom_site.id 
_atom_site.type_symbol 
_atom_site.label_atom_id 
_atom_site.label_alt_id 
_atom_site.label_comp_id 
_atom_site.label_asym_id 
_atom_site.label_entity_id 
_atom_site.label_seq_id 
_atom_site.pdbx_PDB_ins_code 
_atom_site.Cartn_x 
_atom_site.Cartn_y 
_atom_site.Cartn_z 
_atom_site.occupancy 
_atom_site.B_iso_or_equiv 
_atom_site.pdbx_formal_charge 
_atom_site.auth_seq_id 
_atom_site.auth_comp_id 
_atom_site.auth_asym_id 
_atom_site.auth_atom_id 
_atom_site.pdbx_PDB_model_num 
ATOM   1   N N   . MET A 1 1  ? 1.299   -14.052 -4.598  1.00 38.29 ? 1    MET A N   1 
ATOM   2   C CA  . MET A 1 1  ? 1.161   -13.199 -3.381  1.00 37.80 ? 1    MET A CA  1 
ATOM   3   C C   . MET A 1 1  ? 0.452   -11.896 -3.725  1.00 35.24 ? 1    MET A C   1 
ATOM   4   O O   . MET A 1 1  ? 0.902   -11.150 -4.588  1.00 35.91 ? 1    MET A O   1 
ATOM   5   C CB  . MET A 1 1  ? 2.533   -12.861 -2.804  1.00 40.23 ? 1    MET A CB  1 
ATOM   6   C CG  . MET A 1 1  ? 2.455   -11.856 -1.666  1.00 42.75 ? 1    MET A CG  1 
ATOM   7   S SD  . MET A 1 1  ? 4.047   -11.146 -1.287  1.00 47.69 ? 1    MET A SD  1 
ATOM   8   C CE  . MET A 1 1  ? 4.328   -10.135 -2.762  1.00 44.55 ? 1    MET A CE  1 
ATOM   9   N N   . ARG A 1 2  ? -0.645  -11.629 -3.030  1.00 32.89 ? 2    ARG A N   1 
ATOM   10  C CA  . ARG A 1 2  ? -1.431  -10.427 -3.255  1.00 29.21 ? 2    ARG A CA  1 
ATOM   11  C C   . ARG A 1 2  ? -0.812  -9.204  -2.570  1.00 25.97 ? 2    ARG A C   1 
ATOM   12  O O   . ARG A 1 2  ? -0.428  -9.276  -1.406  1.00 26.48 ? 2    ARG A O   1 
ATOM   13  C CB  . ARG A 1 2  ? -2.845  -10.640 -2.712  1.00 31.76 ? 2    ARG A CB  1 
ATOM   14  C CG  . ARG A 1 2  ? -3.763  -9.443  -2.859  1.00 35.81 ? 2    ARG A CG  1 
ATOM   15  C CD  . ARG A 1 2  ? -4.914  -9.508  -1.852  1.00 39.55 ? 2    ARG A CD  1 
ATOM   16  N NE  . ARG A 1 2  ? -5.712  -10.724 -1.978  1.00 43.33 ? 2    ARG A NE  1 
ATOM   17  C CZ  . ARG A 1 2  ? -6.417  -11.046 -3.057  1.00 45.83 ? 2    ARG A CZ  1 
ATOM   18  N NH1 . ARG A 1 2  ? -6.420  -10.240 -4.115  1.00 47.34 ? 2    ARG A NH1 1 
ATOM   19  N NH2 . ARG A 1 2  ? -7.133  -12.164 -3.077  1.00 46.44 ? 2    ARG A NH2 1 
ATOM   20  N N   . ILE A 1 3  ? -0.710  -8.102  -3.306  1.00 21.43 ? 3    ILE A N   1 
ATOM   21  C CA  . ILE A 1 3  ? -0.184  -6.839  -2.772  1.00 18.23 ? 3    ILE A CA  1 
ATOM   22  C C   . ILE A 1 3  ? -1.342  -5.848  -2.863  1.00 17.70 ? 3    ILE A C   1 
ATOM   23  O O   . ILE A 1 3  ? -1.900  -5.638  -3.944  1.00 18.18 ? 3    ILE A O   1 
ATOM   24  C CB  . ILE A 1 3  ? 0.977   -6.284  -3.628  1.00 16.05 ? 3    ILE A CB  1 
ATOM   25  C CG1 . ILE A 1 3  ? 2.128   -7.289  -3.648  1.00 17.11 ? 3    ILE A CG1 1 
ATOM   26  C CG2 . ILE A 1 3  ? 1.446   -4.935  -3.078  1.00 16.00 ? 3    ILE A CG2 1 
ATOM   27  C CD1 . ILE A 1 3  ? 3.229   -6.922  -4.628  1.00 17.73 ? 3    ILE A CD1 1 
ATOM   28  N N   . THR A 1 4  ? -1.746  -5.286  -1.732  1.00 16.40 ? 4    THR A N   1 
ATOM   29  C CA  . THR A 1 4  ? -2.825  -4.307  -1.742  1.00 15.63 ? 4    THR A CA  1 
ATOM   30  C C   . THR A 1 4  ? -2.277  -2.981  -1.241  1.00 15.59 ? 4    THR A C   1 
ATOM   31  O O   . THR A 1 4  ? -1.575  -2.944  -0.226  1.00 16.25 ? 4    THR A O   1 
ATOM   32  C CB  . THR A 1 4  ? -3.974  -4.726  -0.812  1.00 16.45 ? 4    THR A CB  1 
ATOM   33  O OG1 . THR A 1 4  ? -4.466  -6.008  -1.208  1.00 17.57 ? 4    THR A OG1 1 
ATOM   34  C CG2 . THR A 1 4  ? -5.095  -3.703  -0.852  1.00 18.32 ? 4    THR A CG2 1 
ATOM   35  N N   . ILE A 1 5  ? -2.577  -1.904  -1.962  1.00 14.89 ? 5    ILE A N   1 
ATOM   36  C CA  . ILE A 1 5  ? -2.123  -0.582  -1.537  1.00 15.09 ? 5    ILE A CA  1 
ATOM   37  C C   . ILE A 1 5  ? -3.370  0.194   -1.141  1.00 16.13 ? 5    ILE A C   1 
ATOM   38  O O   . ILE A 1 5  ? -4.248  0.399   -1.984  1.00 16.87 ? 5    ILE A O   1 
ATOM   39  C CB  . ILE A 1 5  ? -1.422  0.221   -2.680  1.00 15.22 ? 5    ILE A CB  1 
ATOM   40  C CG1 . ILE A 1 5  ? -0.231  -0.565  -3.244  1.00 16.59 ? 5    ILE A CG1 1 
ATOM   41  C CG2 . ILE A 1 5  ? -0.979  1.587   -2.154  1.00 16.42 ? 5    ILE A CG2 1 
ATOM   42  C CD1 . ILE A 1 5  ? 0.503   0.137   -4.414  1.00 18.37 ? 5    ILE A CD1 1 
ATOM   43  N N   . TYR A 1 6  ? -3.459  0.592   0.130   1.00 14.33 ? 6    TYR A N   1 
ATOM   44  C CA  . TYR A 1 6  ? -4.599  1.394   0.606   1.00 15.00 ? 6    TYR A CA  1 
ATOM   45  C C   . TYR A 1 6  ? -4.164  2.822   0.348   1.00 15.97 ? 6    TYR A C   1 
ATOM   46  O O   . TYR A 1 6  ? -3.137  3.289   0.869   1.00 16.23 ? 6    TYR A O   1 
ATOM   47  C CB  . TYR A 1 6  ? -4.873  1.124   2.087   1.00 13.25 ? 6    TYR A CB  1 
ATOM   48  C CG  . TYR A 1 6  ? -5.406  -0.292  2.274   1.00 14.27 ? 6    TYR A CG  1 
ATOM   49  C CD1 . TYR A 1 6  ? -4.544  -1.365  2.525   1.00 17.40 ? 6    TYR A CD1 1 
ATOM   50  C CD2 . TYR A 1 6  ? -6.774  -0.564  2.116   1.00 15.95 ? 6    TYR A CD2 1 
ATOM   51  C CE1 . TYR A 1 6  ? -5.033  -2.679  2.614   1.00 16.53 ? 6    TYR A CE1 1 
ATOM   52  C CE2 . TYR A 1 6  ? -7.265  -1.861  2.201   1.00 17.96 ? 6    TYR A CE2 1 
ATOM   53  C CZ  . TYR A 1 6  ? -6.392  -2.911  2.450   1.00 19.37 ? 6    TYR A CZ  1 
ATOM   54  O OH  . TYR A 1 6  ? -6.899  -4.186  2.510   1.00 21.35 ? 6    TYR A OH  1 
ATOM   55  N N   . THR A 1 7  ? -4.984  3.545   -0.412  1.00 15.31 ? 7    THR A N   1 
ATOM   56  C CA  . THR A 1 7  ? -4.584  4.861   -0.860  1.00 17.70 ? 7    THR A CA  1 
ATOM   57  C C   . THR A 1 7  ? -5.604  6.001   -0.749  1.00 19.97 ? 7    THR A C   1 
ATOM   58  O O   . THR A 1 7  ? -6.739  5.796   -0.332  1.00 19.01 ? 7    THR A O   1 
ATOM   59  C CB  . THR A 1 7  ? -4.152  4.699   -2.342  1.00 19.07 ? 7    THR A CB  1 
ATOM   60  O OG1 . THR A 1 7  ? -3.493  5.876   -2.804  1.00 20.97 ? 7    THR A OG1 1 
ATOM   61  C CG2 . THR A 1 7  ? -5.387  4.397   -3.219  1.00 19.55 ? 7    THR A CG2 1 
ATOM   62  N N   . ARG A 1 8  ? -5.167  7.192   -1.146  1.00 22.03 ? 8    ARG A N   1 
ATOM   63  C CA  . ARG A 1 8  ? -5.985  8.408   -1.127  1.00 26.90 ? 8    ARG A CA  1 
ATOM   64  C C   . ARG A 1 8  ? -5.529  9.303   -2.285  1.00 28.68 ? 8    ARG A C   1 
ATOM   65  O O   . ARG A 1 8  ? -4.356  9.289   -2.648  1.00 27.08 ? 8    ARG A O   1 
ATOM   66  C CB  . ARG A 1 8  ? -5.790  9.131   0.220   1.00 26.63 ? 8    ARG A CB  1 
ATOM   67  C CG  . ARG A 1 8  ? -6.153  10.600  0.231   1.00 30.79 ? 8    ARG A CG  1 
ATOM   68  C CD  . ARG A 1 8  ? -6.164  11.130  1.642   1.00 31.00 ? 8    ARG A CD  1 
ATOM   69  N NE  . ARG A 1 8  ? -7.196  10.504  2.465   1.00 32.03 ? 8    ARG A NE  1 
ATOM   70  C CZ  . ARG A 1 8  ? -7.182  10.510  3.795   1.00 31.87 ? 8    ARG A CZ  1 
ATOM   71  N NH1 . ARG A 1 8  ? -6.187  11.103  4.448   1.00 32.07 ? 8    ARG A NH1 1 
ATOM   72  N NH2 . ARG A 1 8  ? -8.160  9.935   4.474   1.00 31.84 ? 8    ARG A NH2 1 
ATOM   73  N N   . ASN A 1 9  ? -6.445  10.070  -2.878  1.00 32.39 ? 9    ASN A N   1 
ATOM   74  C CA  . ASN A 1 9  ? -6.064  10.959  -3.977  1.00 34.39 ? 9    ASN A CA  1 
ATOM   75  C C   . ASN A 1 9  ? -5.298  12.134  -3.375  1.00 35.17 ? 9    ASN A C   1 
ATOM   76  O O   . ASN A 1 9  ? -5.440  12.429  -2.196  1.00 36.06 ? 9    ASN A O   1 
ATOM   77  C CB  . ASN A 1 9  ? -7.306  11.464  -4.731  1.00 37.17 ? 9    ASN A CB  1 
ATOM   78  C CG  . ASN A 1 9  ? -8.045  10.343  -5.467  1.00 39.59 ? 9    ASN A CG  1 
ATOM   79  O OD1 . ASN A 1 9  ? -7.503  9.730   -6.387  1.00 42.46 ? 9    ASN A OD1 1 
ATOM   80  N ND2 . ASN A 1 9  ? -9.284  10.073  -5.060  1.00 42.00 ? 9    ASN A ND2 1 
ATOM   81  N N   . ASP A 1 10 ? -4.458  12.782  -4.173  1.00 36.59 ? 10   ASP A N   1 
ATOM   82  C CA  . ASP A 1 10 ? -3.686  13.925  -3.689  1.00 37.03 ? 10   ASP A CA  1 
ATOM   83  C C   . ASP A 1 10 ? -2.687  13.516  -2.603  1.00 35.63 ? 10   ASP A C   1 
ATOM   84  O O   . ASP A 1 10 ? -2.239  14.344  -1.804  1.00 35.11 ? 10   ASP A O   1 
ATOM   85  C CB  . ASP A 1 10 ? -4.630  15.003  -3.136  1.00 40.55 ? 10   ASP A CB  1 
ATOM   86  C CG  . ASP A 1 10 ? -3.895  16.257  -2.716  1.00 43.01 ? 10   ASP A CG  1 
ATOM   87  O OD1 . ASP A 1 10 ? -3.396  16.978  -3.609  1.00 45.52 ? 10   ASP A OD1 1 
ATOM   88  O OD2 . ASP A 1 10 ? -3.809  16.519  -1.496  1.00 44.99 ? 10   ASP A OD2 1 
ATOM   89  N N   . CYS A 1 11 ? -2.342  12.231  -2.584  1.00 31.61 ? 11   CYS A N   1 
ATOM   90  C CA  . CYS A 1 11 ? -1.397  11.697  -1.606  1.00 28.48 ? 11   CYS A CA  1 
ATOM   91  C C   . CYS A 1 11 ? -0.106  11.391  -2.374  1.00 26.32 ? 11   CYS A C   1 
ATOM   92  O O   . CYS A 1 11 ? -0.050  10.452  -3.175  1.00 26.64 ? 11   CYS A O   1 
ATOM   93  C CB  . CYS A 1 11 ? -2.002  10.436  -0.952  1.00 25.71 ? 11   CYS A CB  1 
ATOM   94  S SG  . CYS A 1 11 ? -0.838  9.366   -0.030  1.00 25.83 ? 11   CYS A SG  1 
ATOM   95  N N   . VAL A 1 12 ? 0.924   12.201  -2.142  1.00 24.13 ? 12   VAL A N   1 
ATOM   96  C CA  . VAL A 1 12 ? 2.198   12.038  -2.844  1.00 24.48 ? 12   VAL A CA  1 
ATOM   97  C C   . VAL A 1 12 ? 2.903   10.715  -2.534  1.00 23.59 ? 12   VAL A C   1 
ATOM   98  O O   . VAL A 1 12 ? 3.425   10.059  -3.447  1.00 23.79 ? 12   VAL A O   1 
ATOM   99  C CB  . VAL A 1 12 ? 3.162   13.197  -2.528  1.00 24.74 ? 12   VAL A CB  1 
ATOM   100 C CG1 . VAL A 1 12 ? 4.405   13.093  -3.416  1.00 26.98 ? 12   VAL A CG1 1 
ATOM   101 C CG2 . VAL A 1 12 ? 2.440   14.540  -2.746  1.00 26.50 ? 12   VAL A CG2 1 
ATOM   102 N N   . GLN A 1 13 ? 2.917   10.321  -1.263  1.00 21.98 ? 13   GLN A N   1 
ATOM   103 C CA  . GLN A 1 13 ? 3.569   9.062   -0.896  1.00 21.27 ? 13   GLN A CA  1 
ATOM   104 C C   . GLN A 1 13 ? 2.851   7.861   -1.488  1.00 20.15 ? 13   GLN A C   1 
ATOM   105 O O   . GLN A 1 13 ? 3.470   6.813   -1.740  1.00 19.13 ? 13   GLN A O   1 
ATOM   106 C CB  . GLN A 1 13 ? 3.691   8.944   0.630   1.00 23.07 ? 13   GLN A CB  1 
ATOM   107 C CG  . GLN A 1 13 ? 4.690   9.954   1.184   1.00 26.79 ? 13   GLN A CG  1 
ATOM   108 C CD  . GLN A 1 13 ? 5.046   9.735   2.639   1.00 29.16 ? 13   GLN A CD  1 
ATOM   109 O OE1 . GLN A 1 13 ? 5.481   8.650   3.035   1.00 29.07 ? 13   GLN A OE1 1 
ATOM   110 N NE2 . GLN A 1 13 ? 4.883   10.779  3.446   1.00 30.47 ? 13   GLN A NE2 1 
ATOM   111 N N   . CYS A 1 14 ? 1.545   8.000   -1.706  1.00 18.84 ? 14   CYS A N   1 
ATOM   112 C CA  . CYS A 1 14 ? 0.759   6.929   -2.299  1.00 20.14 ? 14   CYS A CA  1 
ATOM   113 C C   . CYS A 1 14 ? 1.156   6.780   -3.767  1.00 20.43 ? 14   CYS A C   1 
ATOM   114 O O   . CYS A 1 14 ? 1.362   5.670   -4.268  1.00 19.86 ? 14   CYS A O   1 
ATOM   115 C CB  . CYS A 1 14 ? -0.719  7.252   -2.237  1.00 22.00 ? 14   CYS A CB  1 
ATOM   116 S SG  . CYS A 1 14 ? -1.408  7.464   -0.568  1.00 21.71 ? 14   CYS A SG  1 
ATOM   117 N N   . HIS A 1 15 ? 1.233   7.910   -4.464  1.00 20.84 ? 15   HIS A N   1 
ATOM   118 C CA  . HIS A 1 15 ? 1.609   7.897   -5.876  1.00 23.43 ? 15   HIS A CA  1 
ATOM   119 C C   . HIS A 1 15 ? 3.031   7.361   -6.039  1.00 21.06 ? 15   HIS A C   1 
ATOM   120 O O   . HIS A 1 15 ? 3.299   6.553   -6.942  1.00 20.36 ? 15   HIS A O   1 
ATOM   121 C CB  . HIS A 1 15 ? 1.493   9.311   -6.468  1.00 26.71 ? 15   HIS A CB  1 
ATOM   122 C CG  . HIS A 1 15 ? 1.802   9.382   -7.932  1.00 32.08 ? 15   HIS A CG  1 
ATOM   123 N ND1 . HIS A 1 15 ? 3.085   9.524   -8.419  1.00 34.91 ? 15   HIS A ND1 1 
ATOM   124 C CD2 . HIS A 1 15 ? 0.995   9.297   -9.017  1.00 34.42 ? 15   HIS A CD2 1 
ATOM   125 C CE1 . HIS A 1 15 ? 3.053   9.524   -9.740  1.00 35.36 ? 15   HIS A CE1 1 
ATOM   126 N NE2 . HIS A 1 15 ? 1.799   9.386   -10.128 1.00 34.24 ? 15   HIS A NE2 1 
ATOM   127 N N   . ALA A 1 16 ? 3.938   7.782   -5.156  1.00 19.48 ? 16   ALA A N   1 
ATOM   128 C CA  . ALA A 1 16 ? 5.322   7.313   -5.225  1.00 18.63 ? 16   ALA A CA  1 
ATOM   129 C C   . ALA A 1 16 ? 5.356   5.787   -5.094  1.00 18.51 ? 16   ALA A C   1 
ATOM   130 O O   . ALA A 1 16 ? 6.103   5.091   -5.793  1.00 18.25 ? 16   ALA A O   1 
ATOM   131 C CB  . ALA A 1 16 ? 6.149   7.943   -4.117  1.00 17.05 ? 16   ALA A CB  1 
ATOM   132 N N   . THR A 1 17 ? 4.538   5.267   -4.191  1.00 18.17 ? 17   THR A N   1 
ATOM   133 C CA  . THR A 1 17 ? 4.487   3.823   -3.970  1.00 15.98 ? 17   THR A CA  1 
ATOM   134 C C   . THR A 1 17 ? 3.981   3.057   -5.193  1.00 17.40 ? 17   THR A C   1 
ATOM   135 O O   . THR A 1 17 ? 4.555   2.028   -5.571  1.00 15.32 ? 17   THR A O   1 
ATOM   136 C CB  . THR A 1 17 ? 3.602   3.519   -2.739  1.00 15.15 ? 17   THR A CB  1 
ATOM   137 O OG1 . THR A 1 17 ? 4.217   4.098   -1.577  1.00 15.28 ? 17   THR A OG1 1 
ATOM   138 C CG2 . THR A 1 17 ? 3.433   2.003   -2.550  1.00 15.24 ? 17   THR A CG2 1 
ATOM   139 N N   . LYS A 1 18 ? 2.910   3.548   -5.810  1.00 15.35 ? 18   LYS A N   1 
ATOM   140 C CA  . LYS A 1 18 ? 2.330   2.920   -6.993  1.00 17.74 ? 18   LYS A CA  1 
ATOM   141 C C   . LYS A 1 18 ? 3.368   2.893   -8.117  1.00 18.49 ? 18   LYS A C   1 
ATOM   142 O O   . LYS A 1 18 ? 3.600   1.860   -8.748  1.00 19.96 ? 18   LYS A O   1 
ATOM   143 C CB  . LYS A 1 18 ? 1.082   3.697   -7.439  1.00 21.27 ? 18   LYS A CB  1 
ATOM   144 C CG  . LYS A 1 18 ? 0.518   3.295   -8.795  1.00 25.63 ? 18   LYS A CG  1 
ATOM   145 C CD  . LYS A 1 18 ? -0.728  4.127   -9.121  1.00 30.10 ? 18   LYS A CD  1 
ATOM   146 C CE  . LYS A 1 18 ? -1.204  3.910   -10.552 1.00 33.59 ? 18   LYS A CE  1 
ATOM   147 N NZ  . LYS A 1 18 ? -2.450  4.684   -10.830 1.00 38.02 ? 18   LYS A NZ  1 
ATOM   148 N N   . ARG A 1 19 ? 3.982   4.039   -8.356  1.00 18.63 ? 19   ARG A N   1 
ATOM   149 C CA  . ARG A 1 19 ? 5.005   4.178   -9.385  1.00 20.89 ? 19   ARG A CA  1 
ATOM   150 C C   . ARG A 1 19 ? 6.181   3.230   -9.128  1.00 19.40 ? 19   ARG A C   1 
ATOM   151 O O   . ARG A 1 19 ? 6.711   2.618   -10.057 1.00 20.15 ? 19   ARG A O   1 
ATOM   152 C CB  . ARG A 1 19 ? 5.517   5.622   -9.416  1.00 23.18 ? 19   ARG A CB  1 
ATOM   153 C CG  . ARG A 1 19 ? 6.653   5.879   -10.407 1.00 29.89 ? 19   ARG A CG  1 
ATOM   154 C CD  . ARG A 1 19 ? 6.149   6.036   -11.837 1.00 32.86 ? 19   ARG A CD  1 
ATOM   155 N NE  . ARG A 1 19 ? 5.505   4.829   -12.342 1.00 37.01 ? 19   ARG A NE  1 
ATOM   156 C CZ  . ARG A 1 19 ? 5.101   4.669   -13.600 1.00 38.32 ? 19   ARG A CZ  1 
ATOM   157 N NH1 . ARG A 1 19 ? 5.282   5.648   -14.484 1.00 39.49 ? 19   ARG A NH1 1 
ATOM   158 N NH2 . ARG A 1 19 ? 4.503   3.544   -13.975 1.00 36.17 ? 19   ARG A NH2 1 
ATOM   159 N N   . ALA A 1 20 ? 6.593   3.121   -7.869  1.00 17.54 ? 20   ALA A N   1 
ATOM   160 C CA  . ALA A 1 20 ? 7.714   2.251   -7.511  1.00 16.47 ? 20   ALA A CA  1 
ATOM   161 C C   . ALA A 1 20 ? 7.372   0.799   -7.811  1.00 16.06 ? 20   ALA A C   1 
ATOM   162 O O   . ALA A 1 20 ? 8.220   0.030   -8.305  1.00 14.51 ? 20   ALA A O   1 
ATOM   163 C CB  . ALA A 1 20 ? 8.057   2.416   -6.036  1.00 16.80 ? 20   ALA A CB  1 
ATOM   164 N N   . MET A 1 21 ? 6.141   0.409   -7.501  1.00 15.40 ? 21   MET A N   1 
ATOM   165 C CA  . MET A 1 21 ? 5.735   -0.968  -7.770  1.00 16.99 ? 21   MET A CA  1 
ATOM   166 C C   . MET A 1 21 ? 5.661   -1.222  -9.280  1.00 16.78 ? 21   MET A C   1 
ATOM   167 O O   . MET A 1 21 ? 6.068   -2.281  -9.763  1.00 17.75 ? 21   MET A O   1 
ATOM   168 C CB  . MET A 1 21 ? 4.401   -1.248  -7.100  1.00 17.39 ? 21   MET A CB  1 
ATOM   169 C CG  . MET A 1 21 ? 4.540   -1.196  -5.587  1.00 16.73 ? 21   MET A CG  1 
ATOM   170 S SD  . MET A 1 21 ? 3.304   -2.210  -4.786  1.00 20.26 ? 21   MET A SD  1 
ATOM   171 C CE  . MET A 1 21 ? 3.606   -1.826  -3.031  1.00 18.30 ? 21   MET A CE  1 
ATOM   172 N N   . GLU A 1 22 ? 5.144   -0.252  -10.025 1.00 18.43 ? 22   GLU A N   1 
ATOM   173 C CA  . GLU A 1 22 ? 5.050   -0.400  -11.468 1.00 17.91 ? 22   GLU A CA  1 
ATOM   174 C C   . GLU A 1 22 ? 6.444   -0.471  -12.085 1.00 18.56 ? 22   GLU A C   1 
ATOM   175 O O   . GLU A 1 22 ? 6.668   -1.215  -13.048 1.00 18.59 ? 22   GLU A O   1 
ATOM   176 C CB  . GLU A 1 22 ? 4.250   0.770   -12.065 1.00 20.91 ? 22   GLU A CB  1 
ATOM   177 C CG  . GLU A 1 22 ? 2.783   0.758   -11.594 1.00 22.32 ? 22   GLU A CG  1 
ATOM   178 C CD  . GLU A 1 22 ? 1.996   2.006   -11.977 1.00 24.75 ? 22   GLU A CD  1 
ATOM   179 O OE1 . GLU A 1 22 ? 0.750   1.918   -11.975 1.00 30.63 ? 22   GLU A OE1 1 
ATOM   180 O OE2 . GLU A 1 22 ? 2.597   3.064   -12.258 1.00 26.58 ? 22   GLU A OE2 1 
ATOM   181 N N   . ASN A 1 23 ? 7.382   0.284   -11.519 1.00 16.84 ? 23   ASN A N   1 
ATOM   182 C CA  . ASN A 1 23 ? 8.742   0.301   -12.031 1.00 17.73 ? 23   ASN A CA  1 
ATOM   183 C C   . ASN A 1 23 ? 9.404   -1.070  -11.871 1.00 16.70 ? 23   ASN A C   1 
ATOM   184 O O   . ASN A 1 23 ? 10.332  -1.398  -12.608 1.00 16.39 ? 23   ASN A O   1 
ATOM   185 C CB  . ASN A 1 23 ? 9.594   1.354   -11.317 1.00 19.31 ? 23   ASN A CB  1 
ATOM   186 C CG  . ASN A 1 23 ? 9.292   2.769   -11.772 1.00 20.22 ? 23   ASN A CG  1 
ATOM   187 O OD1 . ASN A 1 23 ? 8.588   2.972   -12.760 1.00 23.26 ? 23   ASN A OD1 1 
ATOM   188 N ND2 . ASN A 1 23 ? 9.837   3.753   -11.059 1.00 22.29 ? 23   ASN A ND2 1 
ATOM   189 N N   . ARG A 1 24 ? 8.909   -1.867  -10.928 1.00 17.89 ? 24   ARG A N   1 
ATOM   190 C CA  . ARG A 1 24 ? 9.465   -3.203  -10.663 1.00 17.27 ? 24   ARG A CA  1 
ATOM   191 C C   . ARG A 1 24 ? 8.635   -4.346  -11.222 1.00 17.83 ? 24   ARG A C   1 
ATOM   192 O O   . ARG A 1 24 ? 8.896   -5.525  -10.939 1.00 17.14 ? 24   ARG A O   1 
ATOM   193 C CB  . ARG A 1 24 ? 9.638   -3.388  -9.160  1.00 18.96 ? 24   ARG A CB  1 
ATOM   194 C CG  . ARG A 1 24 ? 10.619  -2.400  -8.529  1.00 18.96 ? 24   ARG A CG  1 
ATOM   195 C CD  . ARG A 1 24 ? 10.415  -2.357  -7.020  1.00 21.55 ? 24   ARG A CD  1 
ATOM   196 N NE  . ARG A 1 24 ? 11.471  -1.621  -6.325  1.00 23.21 ? 24   ARG A NE  1 
ATOM   197 C CZ  . ARG A 1 24 ? 11.632  -0.304  -6.376  1.00 22.57 ? 24   ARG A CZ  1 
ATOM   198 N NH1 . ARG A 1 24 ? 10.806  0.445   -7.096  1.00 23.52 ? 24   ARG A NH1 1 
ATOM   199 N NH2 . ARG A 1 24 ? 12.628  0.263   -5.699  1.00 26.45 ? 24   ARG A NH2 1 
ATOM   200 N N   . GLY A 1 25 ? 7.619   -3.996  -12.002 1.00 16.68 ? 25   GLY A N   1 
ATOM   201 C CA  . GLY A 1 25 ? 6.761   -5.001  -12.602 1.00 17.09 ? 25   GLY A CA  1 
ATOM   202 C C   . GLY A 1 25 ? 5.903   -5.797  -11.628 1.00 18.54 ? 25   GLY A C   1 
ATOM   203 O O   . GLY A 1 25 ? 5.591   -6.965  -11.881 1.00 19.43 ? 25   GLY A O   1 
ATOM   204 N N   . PHE A 1 26 ? 5.512   -5.179  -10.514 1.00 18.34 ? 26   PHE A N   1 
ATOM   205 C CA  . PHE A 1 26 ? 4.666   -5.861  -9.533  1.00 17.55 ? 26   PHE A CA  1 
ATOM   206 C C   . PHE A 1 26 ? 3.171   -5.713  -9.847  1.00 19.47 ? 26   PHE A C   1 
ATOM   207 O O   . PHE A 1 26 ? 2.733   -4.697  -10.373 1.00 20.41 ? 26   PHE A O   1 
ATOM   208 C CB  . PHE A 1 26 ? 4.865   -5.294  -8.114  1.00 15.62 ? 26   PHE A CB  1 
ATOM   209 C CG  . PHE A 1 26 ? 6.263   -5.431  -7.564  1.00 15.15 ? 26   PHE A CG  1 
ATOM   210 C CD1 . PHE A 1 26 ? 6.633   -4.708  -6.434  1.00 17.43 ? 26   PHE A CD1 1 
ATOM   211 C CD2 . PHE A 1 26 ? 7.193   -6.276  -8.150  1.00 16.54 ? 26   PHE A CD2 1 
ATOM   212 C CE1 . PHE A 1 26 ? 7.906   -4.825  -5.896  1.00 15.31 ? 26   PHE A CE1 1 
ATOM   213 C CE2 . PHE A 1 26 ? 8.480   -6.400  -7.613  1.00 16.74 ? 26   PHE A CE2 1 
ATOM   214 C CZ  . PHE A 1 26 ? 8.836   -5.678  -6.493  1.00 15.54 ? 26   PHE A CZ  1 
ATOM   215 N N   . ASP A 1 27 ? 2.390   -6.736  -9.528  1.00 20.49 ? 27   ASP A N   1 
ATOM   216 C CA  . ASP A 1 27 ? 0.951   -6.634  -9.727  1.00 20.54 ? 27   ASP A CA  1 
ATOM   217 C C   . ASP A 1 27 ? 0.388   -6.300  -8.362  1.00 19.98 ? 27   ASP A C   1 
ATOM   218 O O   . ASP A 1 27 ? 0.808   -6.874  -7.369  1.00 19.29 ? 27   ASP A O   1 
ATOM   219 C CB  . ASP A 1 27 ? 0.354   -7.952  -10.216 1.00 23.73 ? 27   ASP A CB  1 
ATOM   220 C CG  . ASP A 1 27 ? 0.770   -8.274  -11.631 1.00 26.84 ? 27   ASP A CG  1 
ATOM   221 O OD1 . ASP A 1 27 ? 0.623   -7.401  -12.511 1.00 29.88 ? 27   ASP A OD1 1 
ATOM   222 O OD2 . ASP A 1 27 ? 1.249   -9.398  -11.859 1.00 31.99 ? 27   ASP A OD2 1 
ATOM   223 N N   . PHE A 1 28 ? -0.550  -5.359  -8.313  1.00 17.94 ? 28   PHE A N   1 
ATOM   224 C CA  . PHE A 1 28 ? -1.155  -4.980  -7.042  1.00 19.49 ? 28   PHE A CA  1 
ATOM   225 C C   . PHE A 1 28 ? -2.554  -4.450  -7.259  1.00 20.29 ? 28   PHE A C   1 
ATOM   226 O O   . PHE A 1 28 ? -2.936  -4.112  -8.382  1.00 20.47 ? 28   PHE A O   1 
ATOM   227 C CB  . PHE A 1 28 ? -0.313  -3.906  -6.342  1.00 18.29 ? 28   PHE A CB  1 
ATOM   228 C CG  . PHE A 1 28 ? -0.062  -2.697  -7.187  1.00 19.72 ? 28   PHE A CG  1 
ATOM   229 C CD1 . PHE A 1 28 ? -0.962  -1.638  -7.196  1.00 19.30 ? 28   PHE A CD1 1 
ATOM   230 C CD2 . PHE A 1 28 ? 1.046   -2.639  -8.020  1.00 19.56 ? 28   PHE A CD2 1 
ATOM   231 C CE1 . PHE A 1 28 ? -0.761  -0.540  -8.026  1.00 20.75 ? 28   PHE A CE1 1 
ATOM   232 C CE2 . PHE A 1 28 ? 1.260   -1.546  -8.860  1.00 21.82 ? 28   PHE A CE2 1 
ATOM   233 C CZ  . PHE A 1 28 ? 0.358   -0.496  -8.866  1.00 22.19 ? 28   PHE A CZ  1 
ATOM   234 N N   . GLU A 1 29 ? -3.319  -4.401  -6.176  1.00 21.74 ? 29   GLU A N   1 
ATOM   235 C CA  . GLU A 1 29 ? -4.668  -3.873  -6.208  1.00 22.63 ? 29   GLU A CA  1 
ATOM   236 C C   . GLU A 1 29 ? -4.649  -2.620  -5.352  1.00 22.51 ? 29   GLU A C   1 
ATOM   237 O O   . GLU A 1 29 ? -3.831  -2.488  -4.433  1.00 21.58 ? 29   GLU A O   1 
ATOM   238 C CB  . GLU A 1 29 ? -5.678  -4.886  -5.649  1.00 25.22 ? 29   GLU A CB  1 
ATOM   239 C CG  . GLU A 1 29 ? -5.380  -5.408  -4.249  1.00 31.33 ? 29   GLU A CG  1 
ATOM   240 C CD  . GLU A 1 29 ? -6.481  -6.322  -3.718  1.00 34.55 ? 29   GLU A CD  1 
ATOM   241 O OE1 . GLU A 1 29 ? -7.310  -6.791  -4.528  1.00 37.80 ? 29   GLU A OE1 1 
ATOM   242 O OE2 . GLU A 1 29 ? -6.509  -6.586  -2.493  1.00 35.61 ? 29   GLU A OE2 1 
ATOM   243 N N   . MET A 1 30 ? -5.519  -1.675  -5.677  1.00 22.07 ? 30   MET A N   1 
ATOM   244 C CA  . MET A 1 30 ? -5.576  -0.456  -4.903  1.00 23.14 ? 30   MET A CA  1 
ATOM   245 C C   . MET A 1 30 ? -6.958  -0.320  -4.314  1.00 23.08 ? 30   MET A C   1 
ATOM   246 O O   . MET A 1 30 ? -7.944  -0.728  -4.931  1.00 23.02 ? 30   MET A O   1 
ATOM   247 C CB  . MET A 1 30 ? -5.271  0.751   -5.777  1.00 26.62 ? 30   MET A CB  1 
ATOM   248 C CG  . MET A 1 30 ? -3.878  0.733   -6.359  1.00 30.40 ? 30   MET A CG  1 
ATOM   249 S SD  . MET A 1 30 ? -3.604  2.203   -7.323  1.00 36.99 ? 30   MET A SD  1 
ATOM   250 C CE  . MET A 1 30 ? -2.561  3.136   -6.210  1.00 36.03 ? 30   MET A CE  1 
ATOM   251 N N   . ILE A 1 31 ? -7.017  0.220   -3.105  1.00 20.09 ? 31   ILE A N   1 
ATOM   252 C CA  . ILE A 1 31 ? -8.288  0.443   -2.435  1.00 19.51 ? 31   ILE A CA  1 
ATOM   253 C C   . ILE A 1 31 ? -8.238  1.837   -1.865  1.00 19.18 ? 31   ILE A C   1 
ATOM   254 O O   . ILE A 1 31 ? -7.426  2.127   -0.983  1.00 18.77 ? 31   ILE A O   1 
ATOM   255 C CB  . ILE A 1 31 ? -8.516  -0.547  -1.306  1.00 20.30 ? 31   ILE A CB  1 
ATOM   256 C CG1 . ILE A 1 31 ? -8.679  -1.946  -1.896  1.00 21.03 ? 31   ILE A CG1 1 
ATOM   257 C CG2 . ILE A 1 31 ? -9.740  -0.100  -0.454  1.00 18.90 ? 31   ILE A CG2 1 
ATOM   258 C CD1 . ILE A 1 31 ? -8.901  -3.026  -0.875  1.00 25.03 ? 31   ILE A CD1 1 
ATOM   259 N N   . ASN A 1 32 ? -9.110  2.705   -2.369  1.00 18.29 ? 32   ASN A N   1 
ATOM   260 C CA  . ASN A 1 32 ? -9.185  4.086   -1.916  1.00 17.44 ? 32   ASN A CA  1 
ATOM   261 C C   . ASN A 1 32 ? -9.912  4.120   -0.569  1.00 16.77 ? 32   ASN A C   1 
ATOM   262 O O   . ASN A 1 32 ? -11.101 3.816   -0.512  1.00 17.47 ? 32   ASN A O   1 
ATOM   263 C CB  . ASN A 1 32 ? -9.978  4.908   -2.937  1.00 19.46 ? 32   ASN A CB  1 
ATOM   264 C CG  . ASN A 1 32 ? -9.952  6.384   -2.633  1.00 21.49 ? 32   ASN A CG  1 
ATOM   265 O OD1 . ASN A 1 32 ? -9.482  7.181   -3.452  1.00 27.64 ? 32   ASN A OD1 1 
ATOM   266 N ND2 . ASN A 1 32 ? -10.448 6.768   -1.458  1.00 19.67 ? 32   ASN A ND2 1 
ATOM   267 N N   . VAL A 1 33 ? -9.206  4.497   0.499   1.00 17.14 ? 33   VAL A N   1 
ATOM   268 C CA  . VAL A 1 33 ? -9.782  4.513   1.841   1.00 17.22 ? 33   VAL A CA  1 
ATOM   269 C C   . VAL A 1 33 ? -10.877 5.554   2.076   1.00 17.82 ? 33   VAL A C   1 
ATOM   270 O O   . VAL A 1 33 ? -11.643 5.451   3.045   1.00 18.39 ? 33   VAL A O   1 
ATOM   271 C CB  . VAL A 1 33 ? -8.679  4.675   2.936   1.00 17.53 ? 33   VAL A CB  1 
ATOM   272 C CG1 . VAL A 1 33 ? -7.690  3.510   2.838   1.00 18.30 ? 33   VAL A CG1 1 
ATOM   273 C CG2 . VAL A 1 33 ? -7.958  5.996   2.786   1.00 18.47 ? 33   VAL A CG2 1 
ATOM   274 N N   . ASP A 1 34 ? -10.960 6.548   1.202   1.00 17.93 ? 34   ASP A N   1 
ATOM   275 C CA  . ASP A 1 34 ? -12.008 7.561   1.335   1.00 20.23 ? 34   ASP A CA  1 
ATOM   276 C C   . ASP A 1 34 ? -13.312 7.023   0.721   1.00 19.71 ? 34   ASP A C   1 
ATOM   277 O O   . ASP A 1 34 ? -14.408 7.335   1.206   1.00 19.80 ? 34   ASP A O   1 
ATOM   278 C CB  . ASP A 1 34 ? -11.556 8.866   0.663   1.00 21.32 ? 34   ASP A CB  1 
ATOM   279 C CG  . ASP A 1 34 ? -10.446 9.557   1.444   1.00 22.20 ? 34   ASP A CG  1 
ATOM   280 O OD1 . ASP A 1 34 ? -9.603  10.210  0.815   1.00 26.19 ? 34   ASP A OD1 1 
ATOM   281 O OD2 . ASP A 1 34 ? -10.419 9.451   2.685   1.00 26.07 ? 34   ASP A OD2 1 
ATOM   282 N N   A ARG A 1 35 ? -13.190 6.218   -0.333  0.70 21.28 ? 35   ARG A N   1 
ATOM   283 N N   B ARG A 1 35 ? -13.200 6.206   -0.322  0.30 21.28 ? 35   ARG A N   1 
ATOM   284 C CA  A ARG A 1 35 ? -14.348 5.612   -1.001  0.70 21.73 ? 35   ARG A CA  1 
ATOM   285 C CA  B ARG A 1 35 ? -14.393 5.642   -0.942  0.30 21.73 ? 35   ARG A CA  1 
ATOM   286 C C   A ARG A 1 35 ? -14.805 4.342   -0.282  0.70 20.84 ? 35   ARG A C   1 
ATOM   287 C C   B ARG A 1 35 ? -14.822 4.354   -0.249  0.30 20.84 ? 35   ARG A C   1 
ATOM   288 O O   A ARG A 1 35 ? -15.942 3.894   -0.460  0.70 18.90 ? 35   ARG A O   1 
ATOM   289 O O   B ARG A 1 35 ? -15.951 3.897   -0.423  0.30 18.90 ? 35   ARG A O   1 
ATOM   290 C CB  A ARG A 1 35 ? -14.015 5.233   -2.451  0.70 24.92 ? 35   ARG A CB  1 
ATOM   291 C CB  B ARG A 1 35 ? -14.163 5.377   -2.432  0.30 24.92 ? 35   ARG A CB  1 
ATOM   292 C CG  A ARG A 1 35 ? -13.696 6.398   -3.357  0.70 30.90 ? 35   ARG A CG  1 
ATOM   293 C CG  B ARG A 1 35 ? -14.989 6.283   -3.328  0.30 30.90 ? 35   ARG A CG  1 
ATOM   294 C CD  A ARG A 1 35 ? -13.439 5.939   -4.777  0.70 34.85 ? 35   ARG A CD  1 
ATOM   295 C CD  B ARG A 1 35 ? -14.109 7.177   -4.183  0.30 34.85 ? 35   ARG A CD  1 
ATOM   296 N NE  A ARG A 1 35 ? -14.622 5.341   -5.393  0.70 39.46 ? 35   ARG A NE  1 
ATOM   297 N NE  B ARG A 1 35 ? -13.464 6.418   -5.243  0.30 39.46 ? 35   ARG A NE  1 
ATOM   298 C CZ  A ARG A 1 35 ? -14.967 5.538   -6.662  0.70 40.46 ? 35   ARG A CZ  1 
ATOM   299 C CZ  B ARG A 1 35 ? -12.605 6.919   -6.121  0.30 40.46 ? 35   ARG A CZ  1 
ATOM   300 N NH1 A ARG A 1 35 ? -14.219 6.315   -7.430  0.70 40.97 ? 35   ARG A NH1 1 
ATOM   301 N NH1 B ARG A 1 35 ? -12.266 8.203   -6.084  0.30 40.97 ? 35   ARG A NH1 1 
ATOM   302 N NH2 A ARG A 1 35 ? -16.052 4.961   -7.164  0.70 40.36 ? 35   ARG A NH2 1 
ATOM   303 N NH2 B ARG A 1 35 ? -12.083 6.123   -7.039  0.30 40.36 ? 35   ARG A NH2 1 
ATOM   304 N N   . VAL A 1 36 ? -13.915 3.771   0.533   1.00 19.08 ? 36   VAL A N   1 
ATOM   305 C CA  . VAL A 1 36 ? -14.215 2.530   1.259   1.00 17.47 ? 36   VAL A CA  1 
ATOM   306 C C   . VAL A 1 36 ? -13.881 2.720   2.755   1.00 18.30 ? 36   VAL A C   1 
ATOM   307 O O   . VAL A 1 36 ? -12.841 2.257   3.245   1.00 16.61 ? 36   VAL A O   1 
ATOM   308 C CB  . VAL A 1 36 ? -13.373 1.352   0.674   1.00 17.14 ? 36   VAL A CB  1 
ATOM   309 C CG1 . VAL A 1 36 ? -13.842 0.027   1.256   1.00 19.21 ? 36   VAL A CG1 1 
ATOM   310 C CG2 . VAL A 1 36 ? -13.486 1.323   -0.838  1.00 19.09 ? 36   VAL A CG2 1 
ATOM   311 N N   . PRO A 1 37 ? -14.768 3.399   3.497   1.00 16.89 ? 37   PRO A N   1 
ATOM   312 C CA  . PRO A 1 37 ? -14.558 3.652   4.927   1.00 17.21 ? 37   PRO A CA  1 
ATOM   313 C C   . PRO A 1 37 ? -14.347 2.405   5.767   1.00 16.18 ? 37   PRO A C   1 
ATOM   314 O O   . PRO A 1 37 ? -13.733 2.469   6.833   1.00 16.20 ? 37   PRO A O   1 
ATOM   315 C CB  . PRO A 1 37 ? -15.819 4.415   5.340   1.00 19.58 ? 37   PRO A CB  1 
ATOM   316 C CG  . PRO A 1 37 ? -16.184 5.152   4.101   1.00 21.25 ? 37   PRO A CG  1 
ATOM   317 C CD  . PRO A 1 37 ? -15.928 4.157   2.988   1.00 19.11 ? 37   PRO A CD  1 
ATOM   318 N N   . GLU A 1 38 ? -14.863 1.273   5.310   1.00 16.00 ? 38   GLU A N   1 
ATOM   319 C CA  . GLU A 1 38 ? -14.669 0.025   6.041   1.00 16.47 ? 38   GLU A CA  1 
ATOM   320 C C   . GLU A 1 38 ? -13.153 -0.262  6.126   1.00 15.74 ? 38   GLU A C   1 
ATOM   321 O O   . GLU A 1 38 ? -12.650 -0.678  7.172   1.00 16.77 ? 38   GLU A O   1 
ATOM   322 C CB  . GLU A 1 38 ? -15.364 -1.126  5.308   1.00 18.45 ? 38   GLU A CB  1 
ATOM   323 C CG  . GLU A 1 38 ? -15.214 -2.469  6.015   1.00 20.39 ? 38   GLU A CG  1 
ATOM   324 C CD  . GLU A 1 38 ? -16.054 -3.549  5.381   1.00 23.31 ? 38   GLU A CD  1 
ATOM   325 O OE1 . GLU A 1 38 ? -15.907 -4.727  5.783   1.00 25.60 ? 38   GLU A OE1 1 
ATOM   326 O OE2 . GLU A 1 38 ? -16.872 -3.218  4.487   1.00 26.15 ? 38   GLU A OE2 1 
ATOM   327 N N   . ALA A 1 39 ? -12.438 -0.010  5.033   1.00 15.85 ? 39   ALA A N   1 
ATOM   328 C CA  . ALA A 1 39 ? -10.995 -0.247  5.002   1.00 15.37 ? 39   ALA A CA  1 
ATOM   329 C C   . ALA A 1 39 ? -10.281 0.779   5.888   1.00 13.30 ? 39   ALA A C   1 
ATOM   330 O O   . ALA A 1 39 ? -9.359  0.440   6.630   1.00 13.49 ? 39   ALA A O   1 
ATOM   331 C CB  . ALA A 1 39 ? -10.478 -0.167  3.560   1.00 12.95 ? 39   ALA A CB  1 
ATOM   332 N N   . ALA A 1 40 ? -10.715 2.038   5.811   1.00 15.00 ? 40   ALA A N   1 
ATOM   333 C CA  . ALA A 1 40 ? -10.110 3.091   6.628   1.00 13.99 ? 40   ALA A CA  1 
ATOM   334 C C   . ALA A 1 40 ? -10.223 2.697   8.104   1.00 15.58 ? 40   ALA A C   1 
ATOM   335 O O   . ALA A 1 40 ? -9.239  2.773   8.855   1.00 13.68 ? 40   ALA A O   1 
ATOM   336 C CB  . ALA A 1 40 ? -10.828 4.425   6.399   1.00 14.76 ? 40   ALA A CB  1 
ATOM   337 N N   . GLU A 1 41 ? -11.419 2.253   8.509   1.00 15.56 ? 41   GLU A N   1 
ATOM   338 C CA  . GLU A 1 41 ? -11.654 1.866   9.900   1.00 16.86 ? 41   GLU A CA  1 
ATOM   339 C C   . GLU A 1 41 ? -10.779 0.689   10.294  1.00 16.32 ? 41   GLU A C   1 
ATOM   340 O O   . GLU A 1 41 ? -10.183 0.685   11.390  1.00 16.35 ? 41   GLU A O   1 
ATOM   341 C CB  . GLU A 1 41 ? -13.137 1.518   10.115  1.00 19.38 ? 41   GLU A CB  1 
ATOM   342 C CG  . GLU A 1 41 ? -14.048 2.733   9.939   1.00 26.66 ? 41   GLU A CG  1 
ATOM   343 C CD  . GLU A 1 41 ? -15.543 2.398   9.925   1.00 31.70 ? 41   GLU A CD  1 
ATOM   344 O OE1 . GLU A 1 41 ? -16.340 3.355   9.832   1.00 36.25 ? 41   GLU A OE1 1 
ATOM   345 O OE2 . GLU A 1 41 ? -15.930 1.201   10.000  1.00 35.61 ? 41   GLU A OE2 1 
ATOM   346 N N   . ALA A 1 42 ? -10.687 -0.296  9.401   1.00 15.68 ? 42   ALA A N   1 
ATOM   347 C CA  . ALA A 1 42 ? -9.867  -1.483  9.671   1.00 15.14 ? 42   ALA A CA  1 
ATOM   348 C C   . ALA A 1 42 ? -8.397  -1.094  9.837   1.00 15.48 ? 42   ALA A C   1 
ATOM   349 O O   . ALA A 1 42 ? -7.713  -1.624  10.726  1.00 15.85 ? 42   ALA A O   1 
ATOM   350 C CB  . ALA A 1 42 ? -10.000 -2.509  8.545   1.00 16.87 ? 42   ALA A CB  1 
ATOM   351 N N   . LEU A 1 43 ? -7.903  -0.198  8.978   1.00 14.06 ? 43   LEU A N   1 
ATOM   352 C CA  . LEU A 1 43 ? -6.507  0.241   9.078   1.00 13.77 ? 43   LEU A CA  1 
ATOM   353 C C   . LEU A 1 43 ? -6.289  1.009   10.384  1.00 15.63 ? 43   LEU A C   1 
ATOM   354 O O   . LEU A 1 43 ? -5.265  0.852   11.047  1.00 14.84 ? 43   LEU A O   1 
ATOM   355 C CB  . LEU A 1 43 ? -6.144  1.137   7.877   1.00 15.72 ? 43   LEU A CB  1 
ATOM   356 C CG  . LEU A 1 43 ? -6.198  0.419   6.522   1.00 16.42 ? 43   LEU A CG  1 
ATOM   357 C CD1 . LEU A 1 43 ? -5.922  1.438   5.401   1.00 16.81 ? 43   LEU A CD1 1 
ATOM   358 C CD2 . LEU A 1 43 ? -5.163  -0.727  6.475   1.00 16.96 ? 43   LEU A CD2 1 
ATOM   359 N N   . ARG A 1 44 ? -7.237  1.856   10.764  1.00 14.76 ? 44   ARG A N   1 
ATOM   360 C CA  . ARG A 1 44 ? -7.069  2.586   12.031  1.00 16.22 ? 44   ARG A CA  1 
ATOM   361 C C   . ARG A 1 44 ? -7.014  1.642   13.225  1.00 16.93 ? 44   ARG A C   1 
ATOM   362 O O   . ARG A 1 44 ? -6.264  1.882   14.172  1.00 15.95 ? 44   ARG A O   1 
ATOM   363 C CB  . ARG A 1 44 ? -8.201  3.585   12.242  1.00 19.28 ? 44   ARG A CB  1 
ATOM   364 C CG  . ARG A 1 44 ? -8.089  4.802   11.357  1.00 23.19 ? 44   ARG A CG  1 
ATOM   365 C CD  . ARG A 1 44 ? -9.054  5.891   11.825  1.00 25.94 ? 44   ARG A CD  1 
ATOM   366 N NE  . ARG A 1 44 ? -10.445 5.463   11.719  1.00 29.66 ? 44   ARG A NE  1 
ATOM   367 C CZ  . ARG A 1 44 ? -11.200 5.627   10.637  1.00 30.97 ? 44   ARG A CZ  1 
ATOM   368 N NH1 . ARG A 1 44 ? -10.701 6.218   9.560   1.00 32.27 ? 44   ARG A NH1 1 
ATOM   369 N NH2 . ARG A 1 44 ? -12.447 5.178   10.630  1.00 32.21 ? 44   ARG A NH2 1 
ATOM   370 N N   . ALA A 1 45 ? -7.783  0.553   13.167  1.00 16.62 ? 45   ALA A N   1 
ATOM   371 C CA  . ALA A 1 45 ? -7.820  -0.414  14.266  1.00 18.42 ? 45   ALA A CA  1 
ATOM   372 C C   . ALA A 1 45 ? -6.502  -1.177  14.388  1.00 17.70 ? 45   ALA A C   1 
ATOM   373 O O   . ALA A 1 45 ? -6.205  -1.721  15.455  1.00 16.74 ? 45   ALA A O   1 
ATOM   374 C CB  . ALA A 1 45 ? -8.989  -1.396  14.068  1.00 18.90 ? 45   ALA A CB  1 
ATOM   375 N N   . GLN A 1 46 ? -5.730  -1.215  13.302  1.00 16.39 ? 46   GLN A N   1 
ATOM   376 C CA  . GLN A 1 46 ? -4.431  -1.887  13.271  1.00 17.00 ? 46   GLN A CA  1 
ATOM   377 C C   . GLN A 1 46 ? -3.316  -0.897  13.593  1.00 16.68 ? 46   GLN A C   1 
ATOM   378 O O   . GLN A 1 46 ? -2.127  -1.222  13.499  1.00 16.00 ? 46   GLN A O   1 
ATOM   379 C CB  . GLN A 1 46 ? -4.180  -2.520  11.905  1.00 20.20 ? 46   GLN A CB  1 
ATOM   380 C CG  . GLN A 1 46 ? -5.155  -3.641  11.552  1.00 24.94 ? 46   GLN A CG  1 
ATOM   381 C CD  . GLN A 1 46 ? -5.187  -4.759  12.599  1.00 28.11 ? 46   GLN A CD  1 
ATOM   382 O OE1 . GLN A 1 46 ? -6.242  -5.071  13.170  1.00 30.71 ? 46   GLN A OE1 1 
ATOM   383 N NE2 . GLN A 1 46 ? -4.036  -5.366  12.844  1.00 27.37 ? 46   GLN A NE2 1 
ATOM   384 N N   . GLY A 1 47 ? -3.715  0.328   13.912  1.00 15.16 ? 47   GLY A N   1 
ATOM   385 C CA  . GLY A 1 47 ? -2.765  1.345   14.327  1.00 15.23 ? 47   GLY A CA  1 
ATOM   386 C C   . GLY A 1 47 ? -2.103  2.239   13.300  1.00 15.17 ? 47   GLY A C   1 
ATOM   387 O O   . GLY A 1 47 ? -1.274  3.068   13.662  1.00 14.77 ? 47   GLY A O   1 
ATOM   388 N N   . PHE A 1 48 ? -2.467  2.104   12.033  1.00 14.45 ? 48   PHE A N   1 
ATOM   389 C CA  . PHE A 1 48 ? -1.847  2.930   11.023  1.00 14.59 ? 48   PHE A CA  1 
ATOM   390 C C   . PHE A 1 48 ? -2.294  4.372   11.180  1.00 15.70 ? 48   PHE A C   1 
ATOM   391 O O   . PHE A 1 48 ? -3.459  4.644   11.524  1.00 16.77 ? 48   PHE A O   1 
ATOM   392 C CB  . PHE A 1 48 ? -2.220  2.404   9.645   1.00 14.57 ? 48   PHE A CB  1 
ATOM   393 C CG  . PHE A 1 48 ? -1.624  1.072   9.359   1.00 14.53 ? 48   PHE A CG  1 
ATOM   394 C CD1 . PHE A 1 48 ? -2.413  -0.080  9.359   1.00 14.55 ? 48   PHE A CD1 1 
ATOM   395 C CD2 . PHE A 1 48 ? -0.261  0.967   9.106   1.00 15.03 ? 48   PHE A CD2 1 
ATOM   396 C CE1 . PHE A 1 48 ? -1.842  -1.313  9.106   1.00 15.23 ? 48   PHE A CE1 1 
ATOM   397 C CE2 . PHE A 1 48 ? 0.308   -0.258  8.860   1.00 15.66 ? 48   PHE A CE2 1 
ATOM   398 C CZ  . PHE A 1 48 ? -0.477  -1.398  8.855   1.00 15.22 ? 48   PHE A CZ  1 
ATOM   399 N N   . ARG A 1 49 ? -1.370  5.291   10.921  1.00 16.42 ? 49   ARG A N   1 
ATOM   400 C CA  . ARG A 1 49 ? -1.660  6.722   11.077  1.00 18.21 ? 49   ARG A CA  1 
ATOM   401 C C   . ARG A 1 49 ? -1.305  7.560   9.850   1.00 19.48 ? 49   ARG A C   1 
ATOM   402 O O   . ARG A 1 49 ? -1.441  8.786   9.856   1.00 18.17 ? 49   ARG A O   1 
ATOM   403 C CB  . ARG A 1 49 ? -0.916  7.269   12.306  1.00 20.66 ? 49   ARG A CB  1 
ATOM   404 C CG  . ARG A 1 49 ? -1.127  6.446   13.568  1.00 23.63 ? 49   ARG A CG  1 
ATOM   405 C CD  . ARG A 1 49 ? -1.151  7.269   14.868  1.00 30.56 ? 49   ARG A CD  1 
ATOM   406 N NE  . ARG A 1 49 ? -0.102  8.281   14.985  1.00 30.67 ? 49   ARG A NE  1 
ATOM   407 C CZ  . ARG A 1 49 ? 0.036   9.075   16.046  1.00 35.58 ? 49   ARG A CZ  1 
ATOM   408 N NH1 . ARG A 1 49 ? -0.803  8.965   17.068  1.00 36.95 ? 49   ARG A NH1 1 
ATOM   409 N NH2 . ARG A 1 49 ? 1.005   9.982   16.096  1.00 35.09 ? 49   ARG A NH2 1 
ATOM   410 N N   . GLN A 1 50 ? -0.846  6.909   8.788   1.00 19.03 ? 50   GLN A N   1 
ATOM   411 C CA  . GLN A 1 50 ? -0.493  7.635   7.577   1.00 19.95 ? 50   GLN A CA  1 
ATOM   412 C C   . GLN A 1 50 ? -0.735  6.750   6.373   1.00 18.75 ? 50   GLN A C   1 
ATOM   413 O O   . GLN A 1 50 ? -0.839  5.528   6.502   1.00 16.87 ? 50   GLN A O   1 
ATOM   414 C CB  . GLN A 1 50 ? 0.976   8.056   7.607   1.00 22.73 ? 50   GLN A CB  1 
ATOM   415 C CG  . GLN A 1 50 ? 1.930   6.891   7.591   1.00 23.92 ? 50   GLN A CG  1 
ATOM   416 C CD  . GLN A 1 50 ? 3.393   7.310   7.419   1.00 26.72 ? 50   GLN A CD  1 
ATOM   417 O OE1 . GLN A 1 50 ? 4.291   6.472   7.475   1.00 26.84 ? 50   GLN A OE1 1 
ATOM   418 N NE2 . GLN A 1 50 ? 3.632   8.605   7.206   1.00 25.92 ? 50   GLN A NE2 1 
ATOM   419 N N   . LEU A 1 51 ? -0.832  7.371   5.205   1.00 18.60 ? 51   LEU A N   1 
ATOM   420 C CA  . LEU A 1 51 ? -1.033  6.631   3.969   1.00 18.57 ? 51   LEU A CA  1 
ATOM   421 C C   . LEU A 1 51 ? 0.182   6.771   3.075   1.00 17.65 ? 51   LEU A C   1 
ATOM   422 O O   . LEU A 1 51 ? 0.988   7.694   3.225   1.00 18.18 ? 51   LEU A O   1 
ATOM   423 C CB  . LEU A 1 51 ? -2.260  7.146   3.222   1.00 19.24 ? 51   LEU A CB  1 
ATOM   424 C CG  . LEU A 1 51 ? -3.593  6.945   3.934   1.00 20.14 ? 51   LEU A CG  1 
ATOM   425 C CD1 . LEU A 1 51 ? -4.676  7.773   3.265   1.00 22.05 ? 51   LEU A CD1 1 
ATOM   426 C CD2 . LEU A 1 51 ? -3.949  5.474   3.895   1.00 18.68 ? 51   LEU A CD2 1 
ATOM   427 N N   . PRO A 1 52 ? 0.355   5.822   2.155   1.00 17.16 ? 52   PRO A N   1 
ATOM   428 C CA  . PRO A 1 52 ? -0.499  4.656   1.937   1.00 14.68 ? 52   PRO A CA  1 
ATOM   429 C C   . PRO A 1 52 ? -0.208  3.573   2.975   1.00 14.71 ? 52   PRO A C   1 
ATOM   430 O O   . PRO A 1 52 ? 0.720   3.686   3.767   1.00 14.01 ? 52   PRO A O   1 
ATOM   431 C CB  . PRO A 1 52 ? -0.048  4.173   0.563   1.00 15.73 ? 52   PRO A CB  1 
ATOM   432 C CG  . PRO A 1 52 ? 1.455   4.439   0.642   1.00 13.77 ? 52   PRO A CG  1 
ATOM   433 C CD  . PRO A 1 52 ? 1.492   5.835   1.211   1.00 15.32 ? 52   PRO A CD  1 
ATOM   434 N N   . VAL A 1 53 ? -1.025  2.533   2.963   1.00 12.45 ? 53   VAL A N   1 
ATOM   435 C CA  . VAL A 1 53 ? -0.741  1.373   3.780   1.00 13.46 ? 53   VAL A CA  1 
ATOM   436 C C   . VAL A 1 53 ? -0.607  0.243   2.767   1.00 13.38 ? 53   VAL A C   1 
ATOM   437 O O   . VAL A 1 53 ? -1.465  0.064   1.892   1.00 15.36 ? 53   VAL A O   1 
ATOM   438 C CB  . VAL A 1 53 ? -1.847  1.040   4.799   1.00 13.08 ? 53   VAL A CB  1 
ATOM   439 C CG1 . VAL A 1 53 ? -1.569  -0.334  5.424   1.00 14.59 ? 53   VAL A CG1 1 
ATOM   440 C CG2 . VAL A 1 53 ? -1.852  2.085   5.904   1.00 13.89 ? 53   VAL A CG2 1 
ATOM   441 N N   . VAL A 1 54 ? 0.487   -0.503  2.850   1.00 12.35 ? 54   VAL A N   1 
ATOM   442 C CA  . VAL A 1 54 ? 0.691   -1.622  1.949   1.00 12.97 ? 54   VAL A CA  1 
ATOM   443 C C   . VAL A 1 54 ? 0.619   -2.899  2.745   1.00 13.11 ? 54   VAL A C   1 
ATOM   444 O O   . VAL A 1 54 ? 1.265   -3.020  3.797   1.00 13.48 ? 54   VAL A O   1 
ATOM   445 C CB  . VAL A 1 54 ? 2.080   -1.584  1.256   1.00 12.37 ? 54   VAL A CB  1 
ATOM   446 C CG1 . VAL A 1 54 ? 2.272   -2.851  0.430   1.00 14.33 ? 54   VAL A CG1 1 
ATOM   447 C CG2 . VAL A 1 54 ? 2.208   -0.347  0.393   1.00 14.88 ? 54   VAL A CG2 1 
ATOM   448 N N   . ILE A 1 55 ? -0.194  -3.837  2.273   1.00 12.63 ? 55   ILE A N   1 
ATOM   449 C CA  . ILE A 1 55 ? -0.324  -5.139  2.934   1.00 14.05 ? 55   ILE A CA  1 
ATOM   450 C C   . ILE A 1 55 ? 0.037   -6.178  1.881   1.00 14.72 ? 55   ILE A C   1 
ATOM   451 O O   . ILE A 1 55 ? -0.546  -6.208  0.790   1.00 14.42 ? 55   ILE A O   1 
ATOM   452 C CB  . ILE A 1 55 ? -1.782  -5.425  3.432   1.00 15.07 ? 55   ILE A CB  1 
ATOM   453 C CG1 . ILE A 1 55 ? -2.239  -4.373  4.435   1.00 16.36 ? 55   ILE A CG1 1 
ATOM   454 C CG2 . ILE A 1 55 ? -1.859  -6.829  4.039   1.00 16.73 ? 55   ILE A CG2 1 
ATOM   455 C CD1 . ILE A 1 55 ? -1.327  -4.169  5.629   1.00 16.08 ? 55   ILE A CD1 1 
ATOM   456 N N   . ALA A 1 56 ? 0.998   -7.034  2.203   1.00 15.07 ? 56   ALA A N   1 
ATOM   457 C CA  . ALA A 1 56 ? 1.438   -8.046  1.262   1.00 16.02 ? 56   ALA A CA  1 
ATOM   458 C C   . ALA A 1 56 ? 1.964   -9.245  2.041   1.00 17.72 ? 56   ALA A C   1 
ATOM   459 O O   . ALA A 1 56 ? 3.028   -9.193  2.649   1.00 15.72 ? 56   ALA A O   1 
ATOM   460 C CB  . ALA A 1 56 ? 2.529   -7.460  0.368   1.00 18.50 ? 56   ALA A CB  1 
ATOM   461 N N   . GLY A 1 57 ? 1.203   -10.333 2.031   1.00 19.15 ? 57   GLY A N   1 
ATOM   462 C CA  . GLY A 1 57 ? 1.640   -11.485 2.792   1.00 21.63 ? 57   GLY A CA  1 
ATOM   463 C C   . GLY A 1 57 ? 1.727   -11.106 4.262   1.00 20.12 ? 57   GLY A C   1 
ATOM   464 O O   . GLY A 1 57 ? 0.771   -10.566 4.812   1.00 21.40 ? 57   GLY A O   1 
ATOM   465 N N   . ASP A 1 58 ? 2.881   -11.357 4.882   1.00 21.17 ? 58   ASP A N   1 
ATOM   466 C CA  . ASP A 1 58 ? 3.103   -11.043 6.301   1.00 20.95 ? 58   ASP A CA  1 
ATOM   467 C C   . ASP A 1 58 ? 3.551   -9.605  6.533   1.00 19.05 ? 58   ASP A C   1 
ATOM   468 O O   . ASP A 1 58 ? 3.662   -9.180  7.680   1.00 19.00 ? 58   ASP A O   1 
ATOM   469 C CB  . ASP A 1 58 ? 4.205   -11.914 6.915   1.00 24.78 ? 58   ASP A CB  1 
ATOM   470 C CG  . ASP A 1 58 ? 3.857   -13.384 6.977   1.00 28.95 ? 58   ASP A CG  1 
ATOM   471 O OD1 . ASP A 1 58 ? 2.661   -13.752 6.903   1.00 32.47 ? 58   ASP A OD1 1 
ATOM   472 O OD2 . ASP A 1 58 ? 4.818   -14.164 7.124   1.00 33.22 ? 58   ASP A OD2 1 
ATOM   473 N N   . LEU A 1 59 ? 3.856   -8.882  5.458   1.00 16.14 ? 59   LEU A N   1 
ATOM   474 C CA  . LEU A 1 59 ? 4.334   -7.510  5.576   1.00 14.50 ? 59   LEU A CA  1 
ATOM   475 C C   . LEU A 1 59 ? 3.203   -6.491  5.565   1.00 15.70 ? 59   LEU A C   1 
ATOM   476 O O   . LEU A 1 59 ? 2.215   -6.654  4.859   1.00 13.66 ? 59   LEU A O   1 
ATOM   477 C CB  . LEU A 1 59 ? 5.293   -7.196  4.425   1.00 15.24 ? 59   LEU A CB  1 
ATOM   478 C CG  . LEU A 1 59 ? 6.446   -8.192  4.272   1.00 16.27 ? 59   LEU A CG  1 
ATOM   479 C CD1 . LEU A 1 59 ? 7.374   -7.745  3.154   1.00 17.31 ? 59   LEU A CD1 1 
ATOM   480 C CD2 . LEU A 1 59 ? 7.233   -8.288  5.565   1.00 16.57 ? 59   LEU A CD2 1 
ATOM   481 N N   . SER A 1 60 ? 3.368   -5.431  6.345   1.00 14.07 ? 60   SER A N   1 
ATOM   482 C CA  . SER A 1 60 ? 2.361   -4.374  6.409   1.00 15.09 ? 60   SER A CA  1 
ATOM   483 C C   . SER A 1 60 ? 3.054   -3.114  6.891   1.00 18.01 ? 60   SER A C   1 
ATOM   484 O O   . SER A 1 60 ? 3.616   -3.094  7.991   1.00 21.19 ? 60   SER A O   1 
ATOM   485 C CB  . SER A 1 60 ? 1.237   -4.755  7.377   1.00 15.75 ? 60   SER A CB  1 
ATOM   486 O OG  . SER A 1 60 ? 1.690   -4.798  8.722   1.00 20.96 ? 60   SER A OG  1 
ATOM   487 N N   . TRP A 1 61 ? 3.021   -2.069  6.075   1.00 13.03 ? 61   TRP A N   1 
ATOM   488 C CA  . TRP A 1 61 ? 3.692   -0.845  6.450   1.00 11.10 ? 61   TRP A CA  1 
ATOM   489 C C   . TRP A 1 61 ? 2.941   0.355   5.913   1.00 11.58 ? 61   TRP A C   1 
ATOM   490 O O   . TRP A 1 61 ? 2.059   0.223   5.057   1.00 11.59 ? 61   TRP A O   1 
ATOM   491 C CB  . TRP A 1 61 ? 5.121   -0.826  5.902   1.00 11.87 ? 61   TRP A CB  1 
ATOM   492 C CG  . TRP A 1 61 ? 5.244   -0.717  4.407   1.00 12.40 ? 61   TRP A CG  1 
ATOM   493 C CD1 . TRP A 1 61 ? 5.250   0.420   3.661   1.00 10.88 ? 61   TRP A CD1 1 
ATOM   494 C CD2 . TRP A 1 61 ? 5.402   -1.803  3.493   1.00 11.40 ? 61   TRP A CD2 1 
ATOM   495 N NE1 . TRP A 1 61 ? 5.399   0.118   2.323   1.00 11.24 ? 61   TRP A NE1 1 
ATOM   496 C CE2 . TRP A 1 61 ? 5.496   -1.248  2.197   1.00 13.45 ? 61   TRP A CE2 1 
ATOM   497 C CE3 . TRP A 1 61 ? 5.478   -3.198  3.645   1.00 12.59 ? 61   TRP A CE3 1 
ATOM   498 C CZ2 . TRP A 1 61 ? 5.668   -2.035  1.052   1.00 11.75 ? 61   TRP A CZ2 1 
ATOM   499 C CZ3 . TRP A 1 61 ? 5.651   -3.987  2.503   1.00 13.77 ? 61   TRP A CZ3 1 
ATOM   500 C CH2 . TRP A 1 61 ? 5.744   -3.405  1.219   1.00 12.28 ? 61   TRP A CH2 1 
ATOM   501 N N   . SER A 1 62 ? 3.330   1.523   6.404   1.00 12.39 ? 62   SER A N   1 
ATOM   502 C CA  . SER A 1 62 ? 2.696   2.772   5.967   1.00 12.24 ? 62   SER A CA  1 
ATOM   503 C C   . SER A 1 62 ? 3.731   3.770   5.462   1.00 12.90 ? 62   SER A C   1 
ATOM   504 O O   . SER A 1 62 ? 4.903   3.657   5.789   1.00 14.15 ? 62   SER A O   1 
ATOM   505 C CB  . SER A 1 62 ? 1.905   3.396   7.118   1.00 11.75 ? 62   SER A CB  1 
ATOM   506 O OG  . SER A 1 62 ? 2.723   3.699   8.245   1.00 13.74 ? 62   SER A OG  1 
ATOM   507 N N   . GLY A 1 63 ? 3.273   4.745   4.677   1.00 15.12 ? 63   GLY A N   1 
ATOM   508 C CA  . GLY A 1 63 ? 4.169   5.752   4.115   1.00 16.32 ? 63   GLY A CA  1 
ATOM   509 C C   . GLY A 1 63 ? 4.905   5.194   2.914   1.00 17.80 ? 63   GLY A C   1 
ATOM   510 O O   . GLY A 1 63 ? 4.720   4.025   2.574   1.00 16.78 ? 63   GLY A O   1 
ATOM   511 N N   . PHE A 1 64 ? 5.705   6.032   2.254   1.00 17.12 ? 64   PHE A N   1 
ATOM   512 C CA  . PHE A 1 64 ? 6.498   5.602   1.101   1.00 17.81 ? 64   PHE A CA  1 
ATOM   513 C C   . PHE A 1 64 ? 7.768   4.952   1.648   1.00 15.80 ? 64   PHE A C   1 
ATOM   514 O O   . PHE A 1 64 ? 8.615   5.612   2.266   1.00 16.66 ? 64   PHE A O   1 
ATOM   515 C CB  . PHE A 1 64 ? 6.854   6.792   0.215   1.00 17.21 ? 64   PHE A CB  1 
ATOM   516 C CG  . PHE A 1 64 ? 7.762   6.436   -0.939  1.00 19.37 ? 64   PHE A CG  1 
ATOM   517 C CD1 . PHE A 1 64 ? 7.389   5.457   -1.857  1.00 20.43 ? 64   PHE A CD1 1 
ATOM   518 C CD2 . PHE A 1 64 ? 8.973   7.103   -1.115  1.00 21.94 ? 64   PHE A CD2 1 
ATOM   519 C CE1 . PHE A 1 64 ? 8.208   5.142   -2.942  1.00 22.06 ? 64   PHE A CE1 1 
ATOM   520 C CE2 . PHE A 1 64 ? 9.799   6.799   -2.196  1.00 23.18 ? 64   PHE A CE2 1 
ATOM   521 C CZ  . PHE A 1 64 ? 9.415   5.817   -3.110  1.00 22.96 ? 64   PHE A CZ  1 
ATOM   522 N N   . ARG A 1 65 ? 7.884   3.644   1.436   1.00 14.47 ? 65   ARG A N   1 
ATOM   523 C CA  . ARG A 1 65 ? 9.003   2.864   1.926   1.00 14.46 ? 65   ARG A CA  1 
ATOM   524 C C   . ARG A 1 65 ? 9.644   2.028   0.828   1.00 14.10 ? 65   ARG A C   1 
ATOM   525 O O   . ARG A 1 65 ? 9.315   0.854   0.656   1.00 14.10 ? 65   ARG A O   1 
ATOM   526 C CB  . ARG A 1 65 ? 8.536   1.950   3.061   1.00 15.26 ? 65   ARG A CB  1 
ATOM   527 C CG  . ARG A 1 65 ? 8.192   2.686   4.372   1.00 15.43 ? 65   ARG A CG  1 
ATOM   528 C CD  . ARG A 1 65 ? 9.440   3.282   5.007   1.00 15.67 ? 65   ARG A CD  1 
ATOM   529 N NE  . ARG A 1 65 ? 10.395  2.242   5.382   1.00 16.57 ? 65   ARG A NE  1 
ATOM   530 C CZ  . ARG A 1 65 ? 10.362  1.559   6.528   1.00 15.01 ? 65   ARG A CZ  1 
ATOM   531 N NH1 . ARG A 1 65 ? 9.424   1.808   7.444   1.00 15.29 ? 65   ARG A NH1 1 
ATOM   532 N NH2 . ARG A 1 65 ? 11.248  0.597   6.739   1.00 16.85 ? 65   ARG A NH2 1 
ATOM   533 N N   . PRO A 1 66 ? 10.557  2.632   0.059   1.00 15.44 ? 66   PRO A N   1 
ATOM   534 C CA  . PRO A 1 66 ? 11.257  1.938   -1.027  1.00 15.16 ? 66   PRO A CA  1 
ATOM   535 C C   . PRO A 1 66 ? 11.895  0.650   -0.508  1.00 14.66 ? 66   PRO A C   1 
ATOM   536 O O   . PRO A 1 66 ? 11.906  -0.370  -1.185  1.00 15.28 ? 66   PRO A O   1 
ATOM   537 C CB  . PRO A 1 66 ? 12.342  2.931   -1.438  1.00 16.50 ? 66   PRO A CB  1 
ATOM   538 C CG  . PRO A 1 66 ? 11.792  4.233   -1.079  1.00 18.73 ? 66   PRO A CG  1 
ATOM   539 C CD  . PRO A 1 66 ? 11.018  4.025   0.197   1.00 16.60 ? 66   PRO A CD  1 
ATOM   540 N N   . ASP A 1 67 ? 12.447  0.714   0.703   1.00 13.37 ? 67   ASP A N   1 
ATOM   541 C CA  . ASP A 1 67 ? 13.108  -0.458  1.259   1.00 14.15 ? 67   ASP A CA  1 
ATOM   542 C C   . ASP A 1 67 ? 12.174  -1.627  1.509   1.00 14.29 ? 67   ASP A C   1 
ATOM   543 O O   . ASP A 1 67 ? 12.579  -2.799  1.415   1.00 15.50 ? 67   ASP A O   1 
ATOM   544 C CB  . ASP A 1 67 ? 13.844  -0.101  2.549   1.00 13.34 ? 67   ASP A CB  1 
ATOM   545 C CG  . ASP A 1 67 ? 12.939  0.494   3.611   1.00 14.64 ? 67   ASP A CG  1 
ATOM   546 O OD1 . ASP A 1 67 ? 13.147  0.145   4.790   1.00 18.53 ? 67   ASP A OD1 1 
ATOM   547 O OD2 . ASP A 1 67 ? 12.058  1.330   3.299   1.00 14.04 ? 67   ASP A OD2 1 
ATOM   548 N N   . MET A 1 68 ? 10.927  -1.326  1.868   1.00 13.54 ? 68   MET A N   1 
ATOM   549 C CA  . MET A 1 68 ? 9.963   -2.398  2.092   1.00 12.25 ? 68   MET A CA  1 
ATOM   550 C C   . MET A 1 68 ? 9.406   -2.901  0.750   1.00 13.63 ? 68   MET A C   1 
ATOM   551 O O   . MET A 1 68 ? 9.105   -4.085  0.599   1.00 13.04 ? 68   MET A O   1 
ATOM   552 C CB  . MET A 1 68 ? 8.794   -1.907  2.968   1.00 11.66 ? 68   MET A CB  1 
ATOM   553 C CG  . MET A 1 68 ? 9.188   -1.617  4.434   1.00 12.21 ? 68   MET A CG  1 
ATOM   554 S SD  . MET A 1 68 ? 9.898   -3.021  5.308   1.00 15.73 ? 68   MET A SD  1 
ATOM   555 C CE  . MET A 1 68 ? 8.401   -3.908  5.702   1.00 15.74 ? 68   MET A CE  1 
ATOM   556 N N   . ILE A 1 69 ? 9.282   -1.992  -0.211  1.00 13.58 ? 69   ILE A N   1 
ATOM   557 C CA  . ILE A 1 69 ? 8.779   -2.356  -1.528  1.00 14.41 ? 69   ILE A CA  1 
ATOM   558 C C   . ILE A 1 69 ? 9.743   -3.357  -2.139  1.00 15.12 ? 69   ILE A C   1 
ATOM   559 O O   . ILE A 1 69 ? 9.325   -4.295  -2.809  1.00 15.38 ? 69   ILE A O   1 
ATOM   560 C CB  . ILE A 1 69 ? 8.640   -1.112  -2.436  1.00 14.69 ? 69   ILE A CB  1 
ATOM   561 C CG1 . ILE A 1 69 ? 7.501   -0.233  -1.904  1.00 14.64 ? 69   ILE A CG1 1 
ATOM   562 C CG2 . ILE A 1 69 ? 8.339   -1.542  -3.871  1.00 16.19 ? 69   ILE A CG2 1 
ATOM   563 C CD1 . ILE A 1 69 ? 7.419   1.161   -2.528  1.00 14.91 ? 69   ILE A CD1 1 
ATOM   564 N N   . ASN A 1 70 ? 11.030  -3.162  -1.876  1.00 16.44 ? 70   ASN A N   1 
ATOM   565 C CA  . ASN A 1 70 ? 12.037  -4.064  -2.398  1.00 16.94 ? 70   ASN A CA  1 
ATOM   566 C C   . ASN A 1 70 ? 11.926  -5.455  -1.807  1.00 17.61 ? 70   ASN A C   1 
ATOM   567 O O   . ASN A 1 70 ? 12.469  -6.403  -2.372  1.00 19.17 ? 70   ASN A O   1 
ATOM   568 C CB  . ASN A 1 70 ? 13.439  -3.491  -2.184  1.00 17.77 ? 70   ASN A CB  1 
ATOM   569 C CG  . ASN A 1 70 ? 13.793  -2.462  -3.225  1.00 19.77 ? 70   ASN A CG  1 
ATOM   570 O OD1 . ASN A 1 70 ? 13.162  -2.398  -4.288  1.00 21.44 ? 70   ASN A OD1 1 
ATOM   571 N ND2 . ASN A 1 70 ? 14.804  -1.653  -2.943  1.00 21.05 ? 70   ASN A ND2 1 
ATOM   572 N N   . ARG A 1 71 ? 11.213  -5.592  -0.687  1.00 14.67 ? 71   ARG A N   1 
ATOM   573 C CA  . ARG A 1 71 ? 11.039  -6.923  -0.106  1.00 15.25 ? 71   ARG A CA  1 
ATOM   574 C C   . ARG A 1 71 ? 9.955   -7.724  -0.829  1.00 15.71 ? 71   ARG A C   1 
ATOM   575 O O   . ARG A 1 71 ? 9.725   -8.886  -0.502  1.00 17.27 ? 71   ARG A O   1 
ATOM   576 C CB  . ARG A 1 71 ? 10.719  -6.821  1.388   1.00 16.06 ? 71   ARG A CB  1 
ATOM   577 C CG  . ARG A 1 71 ? 11.893  -6.252  2.179   1.00 17.63 ? 71   ARG A CG  1 
ATOM   578 C CD  . ARG A 1 71 ? 11.662  -6.344  3.680   1.00 20.81 ? 71   ARG A CD  1 
ATOM   579 N NE  . ARG A 1 71 ? 11.388  -7.723  4.067   1.00 20.42 ? 71   ARG A NE  1 
ATOM   580 C CZ  . ARG A 1 71 ? 10.937  -8.098  5.258   1.00 22.74 ? 71   ARG A CZ  1 
ATOM   581 N NH1 . ARG A 1 71 ? 10.705  -7.198  6.199   1.00 22.50 ? 71   ARG A NH1 1 
ATOM   582 N NH2 . ARG A 1 71 ? 10.702  -9.387  5.494   1.00 23.95 ? 71   ARG A NH2 1 
ATOM   583 N N   . LEU A 1 72 ? 9.307   -7.103  -1.812  1.00 15.48 ? 72   LEU A N   1 
ATOM   584 C CA  . LEU A 1 72 ? 8.254   -7.756  -2.586  1.00 15.55 ? 72   LEU A CA  1 
ATOM   585 C C   . LEU A 1 72 ? 8.743   -8.440  -3.875  1.00 15.86 ? 72   LEU A C   1 
ATOM   586 O O   . LEU A 1 72 ? 7.932   -8.990  -4.619  1.00 17.09 ? 72   LEU A O   1 
ATOM   587 C CB  . LEU A 1 72 ? 7.172   -6.733  -2.959  1.00 16.30 ? 72   LEU A CB  1 
ATOM   588 C CG  . LEU A 1 72 ? 6.549   -6.012  -1.754  1.00 17.81 ? 72   LEU A CG  1 
ATOM   589 C CD1 . LEU A 1 72 ? 5.467   -5.061  -2.247  1.00 18.96 ? 72   LEU A CD1 1 
ATOM   590 C CD2 . LEU A 1 72 ? 5.980   -7.026  -0.768  1.00 20.03 ? 72   LEU A CD2 1 
ATOM   591 N N   . HIS A 1 73 ? 10.047  -8.402  -4.149  1.00 17.25 ? 73   HIS A N   1 
ATOM   592 C CA  . HIS A 1 73 ? 10.556  -9.033  -5.367  1.00 15.85 ? 73   HIS A CA  1 
ATOM   593 C C   . HIS A 1 73 ? 10.236  -10.513 -5.309  1.00 18.12 ? 73   HIS A C   1 
ATOM   594 O O   . HIS A 1 73 ? 10.343  -11.152 -4.267  1.00 18.96 ? 73   HIS A O   1 
ATOM   595 C CB  . HIS A 1 73 ? 12.060  -8.776  -5.556  1.00 15.11 ? 73   HIS A CB  1 
ATOM   596 C CG  . HIS A 1 73 ? 12.363  -7.424  -6.126  1.00 15.28 ? 73   HIS A CG  1 
ATOM   597 N ND1 . HIS A 1 73 ? 11.923  -7.031  -7.370  1.00 16.80 ? 73   HIS A ND1 1 
ATOM   598 C CD2 . HIS A 1 73 ? 13.026  -6.360  -5.607  1.00 14.53 ? 73   HIS A CD2 1 
ATOM   599 C CE1 . HIS A 1 73 ? 12.293  -5.783  -7.593  1.00 16.66 ? 73   HIS A CE1 1 
ATOM   600 N NE2 . HIS A 1 73 ? 12.964  -5.356  -6.539  1.00 16.78 ? 73   HIS A NE2 1 
ATOM   601 N N   . PRO A 1 74 ? 9.839   -11.080 -6.444  1.00 18.20 ? 74   PRO A N   1 
ATOM   602 C CA  . PRO A 1 74 ? 9.490   -12.501 -6.446  1.00 19.87 ? 74   PRO A CA  1 
ATOM   603 C C   . PRO A 1 74 ? 10.602  -13.511 -6.196  1.00 20.49 ? 74   PRO A C   1 
ATOM   604 O O   . PRO A 1 74 ? 11.743  -13.331 -6.604  1.00 18.40 ? 74   PRO A O   1 
ATOM   605 C CB  . PRO A 1 74 ? 8.808   -12.688 -7.806  1.00 20.28 ? 74   PRO A CB  1 
ATOM   606 C CG  . PRO A 1 74 ? 9.534   -11.713 -8.687  1.00 21.30 ? 74   PRO A CG  1 
ATOM   607 C CD  . PRO A 1 74 ? 9.693   -10.476 -7.782  1.00 18.82 ? 74   PRO A CD  1 
ATOM   608 N N   . ALA A 1 75 ? 10.241  -14.584 -5.504  1.00 24.62 ? 75   ALA A N   1 
ATOM   609 C CA  . ALA A 1 75 ? 11.184  -15.663 -5.223  1.00 27.83 ? 75   ALA A CA  1 
ATOM   610 C C   . ALA A 1 75 ? 11.367  -16.475 -6.511  1.00 30.41 ? 75   ALA A C   1 
ATOM   611 O O   . ALA A 1 75 ? 10.526  -16.423 -7.413  1.00 30.94 ? 75   ALA A O   1 
ATOM   612 C CB  . ALA A 1 75 ? 10.636  -16.554 -4.114  1.00 28.92 ? 75   ALA A CB  1 
ATOM   613 N N   . PRO A 1 76 ? 12.465  -17.238 -6.614  1.00 32.48 ? 76   PRO A N   1 
ATOM   614 C CA  . PRO A 1 76 ? 12.722  -18.046 -7.812  1.00 34.58 ? 76   PRO A CA  1 
ATOM   615 C C   . PRO A 1 76 ? 11.625  -19.082 -8.035  1.00 36.50 ? 76   PRO A C   1 
ATOM   616 O O   . PRO A 1 76 ? 11.005  -19.499 -7.031  1.00 37.38 ? 76   PRO A O   1 
ATOM   617 C CB  . PRO A 1 76 ? 14.064  -18.714 -7.505  1.00 34.65 ? 76   PRO A CB  1 
ATOM   618 C CG  . PRO A 1 76 ? 14.690  -17.823 -6.487  1.00 34.42 ? 76   PRO A CG  1 
ATOM   619 C CD  . PRO A 1 76 ? 13.532  -17.425 -5.618  1.00 33.05 ? 76   PRO A CD  1 
HETATM 620 O O   . HOH B 2 .  ? -6.175  -5.356  8.019   1.00 51.23 ? 2001 HOH A O   1 
HETATM 621 O O   . HOH B 2 .  ? -7.523  -5.037  6.040   1.00 56.60 ? 2002 HOH A O   1 
HETATM 622 O O   . HOH B 2 .  ? -1.066  -10.895 0.632   1.00 28.46 ? 2003 HOH A O   1 
HETATM 623 O O   . HOH B 2 .  ? -1.268  -13.731 -1.550  1.00 50.30 ? 2004 HOH A O   1 
HETATM 624 O O   . HOH B 2 .  ? -7.183  -8.526  1.376   1.00 58.56 ? 2005 HOH A O   1 
HETATM 625 O O   . HOH B 2 .  ? -5.755  -6.925  6.118   1.00 53.79 ? 2006 HOH A O   1 
HETATM 626 O O   . HOH B 2 .  ? -2.988  -7.857  0.461   1.00 30.44 ? 2007 HOH A O   1 
HETATM 627 O O   . HOH B 2 .  ? -5.354  -6.323  2.681   1.00 31.10 ? 2008 HOH A O   1 
HETATM 628 O O   . HOH B 2 .  ? -0.540  -2.303  -12.596 1.00 50.97 ? 2009 HOH A O   1 
HETATM 629 O O   . HOH B 2 .  ? 6.568   -9.715  -9.501  1.00 27.26 ? 2010 HOH A O   1 
HETATM 630 O O   . HOH B 2 .  ? 0.278   14.450  -0.359  1.00 39.39 ? 2011 HOH A O   1 
HETATM 631 O O   . HOH B 2 .  ? 1.802   11.659  1.116   1.00 25.43 ? 2012 HOH A O   1 
HETATM 632 O O   . HOH B 2 .  ? 6.626   8.293   5.645   1.00 49.40 ? 2013 HOH A O   1 
HETATM 633 O O   . HOH B 2 .  ? -19.450 1.613   5.561   1.00 41.87 ? 2014 HOH A O   1 
HETATM 634 O O   . HOH B 2 .  ? -3.555  5.515   16.280  1.00 44.09 ? 2015 HOH A O   1 
HETATM 635 O O   . HOH B 2 .  ? -6.310  6.205   6.879   1.00 52.53 ? 2016 HOH A O   1 
HETATM 636 O O   . HOH B 2 .  ? 3.209   6.113   -11.565 1.00 54.39 ? 2017 HOH A O   1 
HETATM 637 O O   . HOH B 2 .  ? -1.276  -7.374  8.415   1.00 44.94 ? 2018 HOH A O   1 
HETATM 638 O O   . HOH B 2 .  ? 4.685   -2.164  -14.949 1.00 51.11 ? 2019 HOH A O   1 
HETATM 639 O O   . HOH B 2 .  ? 0.771   5.293   -12.134 1.00 43.62 ? 2020 HOH A O   1 
HETATM 640 O O   . HOH B 2 .  ? -0.607  0.078   -12.317 1.00 48.47 ? 2021 HOH A O   1 
HETATM 641 O O   . HOH B 2 .  ? 15.721  -6.202  0.732   1.00 42.26 ? 2022 HOH A O   1 
HETATM 642 O O   . HOH B 2 .  ? 6.723   2.301   -14.208 1.00 28.59 ? 2023 HOH A O   1 
HETATM 643 O O   . HOH B 2 .  ? 9.011   5.068   -15.007 1.00 49.16 ? 2024 HOH A O   1 
HETATM 644 O O   . HOH B 2 .  ? 11.333  3.212   -8.461  1.00 35.07 ? 2025 HOH A O   1 
HETATM 645 O O   . HOH B 2 .  ? 11.530  1.067   -9.269  1.00 62.80 ? 2026 HOH A O   1 
HETATM 646 O O   . HOH B 2 .  ? 14.811  1.134   -4.142  1.00 41.04 ? 2027 HOH A O   1 
HETATM 647 O O   . HOH B 2 .  ? 14.215  3.005   -5.452  1.00 47.02 ? 2028 HOH A O   1 
HETATM 648 O O   . HOH B 2 .  ? 8.787   -8.200  -10.638 1.00 22.36 ? 2029 HOH A O   1 
HETATM 649 O O   . HOH B 2 .  ? 3.472   -6.033  -13.850 1.00 48.73 ? 2030 HOH A O   1 
HETATM 650 O O   . HOH B 2 .  ? 3.597   -3.584  -13.063 1.00 46.90 ? 2031 HOH A O   1 
HETATM 651 O O   . HOH B 2 .  ? 3.798   -9.006  -8.018  1.00 31.39 ? 2032 HOH A O   1 
HETATM 652 O O   . HOH B 2 .  ? -0.773  -8.758  -6.174  1.00 30.09 ? 2033 HOH A O   1 
HETATM 653 O O   . HOH B 2 .  ? -0.099  -5.220  -13.478 1.00 45.68 ? 2034 HOH A O   1 
HETATM 654 O O   . HOH B 2 .  ? -1.052  -4.237  -11.211 1.00 33.25 ? 2035 HOH A O   1 
HETATM 655 O O   . HOH B 2 .  ? -8.299  -7.151  -0.650  1.00 60.62 ? 2036 HOH A O   1 
HETATM 656 O O   . HOH B 2 .  ? -6.428  -6.191  -7.953  1.00 51.95 ? 2037 HOH A O   1 
HETATM 657 O O   . HOH B 2 .  ? -7.000  -1.975  -8.179  1.00 40.40 ? 2038 HOH A O   1 
HETATM 658 O O   . HOH B 2 .  ? -11.083 1.640   -4.477  1.00 30.73 ? 2039 HOH A O   1 
HETATM 659 O O   . HOH B 2 .  ? -13.079 6.779   4.977   1.00 30.65 ? 2040 HOH A O   1 
HETATM 660 O O   . HOH B 2 .  ? -9.262  10.386  -1.869  1.00 34.87 ? 2041 HOH A O   1 
HETATM 661 O O   . HOH B 2 .  ? -14.704 8.585   3.591   1.00 35.53 ? 2042 HOH A O   1 
HETATM 662 O O   . HOH B 2 .  ? -9.092  12.612  1.747   1.00 61.93 ? 2043 HOH A O   1 
HETATM 663 O O   . HOH B 2 .  ? -17.960 1.980   0.739   1.00 34.74 ? 2044 HOH A O   1 
HETATM 664 O O   . HOH B 2 .  ? -17.334 4.601   -2.832  1.00 30.09 ? 2045 HOH A O   1 
HETATM 665 O O   . HOH B 2 .  ? -14.367 7.476   -9.554  1.00 38.14 ? 2046 HOH A O   1 
HETATM 666 O O   . HOH B 2 .  ? -16.659 4.917   -10.012 1.00 38.61 ? 2047 HOH A O   1 
HETATM 667 O O   . HOH B 2 .  ? -13.674 -2.297  9.227   1.00 23.79 ? 2048 HOH A O   1 
HETATM 668 O O   . HOH B 2 .  ? -16.853 0.833   3.177   1.00 20.72 ? 2049 HOH A O   1 
HETATM 669 O O   . HOH B 2 .  ? -17.877 2.490   7.976   1.00 34.59 ? 2050 HOH A O   1 
HETATM 670 O O   . HOH B 2 .  ? -10.883 1.710   13.760  1.00 43.30 ? 2051 HOH A O   1 
HETATM 671 O O   . HOH B 2 .  ? -7.554  7.006   8.865   1.00 47.73 ? 2052 HOH A O   1 
HETATM 672 O O   . HOH B 2 .  ? -13.317 6.991   7.726   1.00 42.09 ? 2053 HOH A O   1 
HETATM 673 O O   . HOH B 2 .  ? -4.750  4.282   14.178  1.00 29.39 ? 2054 HOH A O   1 
HETATM 674 O O   . HOH B 2 .  ? -6.199  -0.997  18.035  1.00 51.28 ? 2055 HOH A O   1 
HETATM 675 O O   . HOH B 2 .  ? -4.236  -3.272  16.795  1.00 35.21 ? 2056 HOH A O   1 
HETATM 676 O O   . HOH B 2 .  ? -8.532  -4.210  11.807  1.00 25.90 ? 2057 HOH A O   1 
HETATM 677 O O   . HOH B 2 .  ? -1.600  -5.843  12.275  1.00 32.54 ? 2058 HOH A O   1 
HETATM 678 O O   . HOH B 2 .  ? -0.478  3.502   16.066  1.00 26.78 ? 2059 HOH A O   1 
HETATM 679 O O   . HOH B 2 .  ? -5.351  5.741   9.015   1.00 52.38 ? 2060 HOH A O   1 
HETATM 680 O O   . HOH B 2 .  ? -3.139  10.217  11.382  1.00 27.12 ? 2061 HOH A O   1 
HETATM 681 O O   . HOH B 2 .  ? 1.688   7.697   17.122  1.00 41.22 ? 2062 HOH A O   1 
HETATM 682 O O   . HOH B 2 .  ? 2.691   10.203  18.463  1.00 40.83 ? 2063 HOH A O   1 
HETATM 683 O O   . HOH B 2 .  ? 7.345   6.726   7.665   1.00 44.20 ? 2064 HOH A O   1 
HETATM 684 O O   . HOH B 2 .  ? 3.042   10.941  5.821   1.00 40.33 ? 2065 HOH A O   1 
HETATM 685 O O   . HOH B 2 .  ? -0.875  10.281  5.274   1.00 35.98 ? 2066 HOH A O   1 
HETATM 686 O O   . HOH B 2 .  ? 1.629   10.278  3.834   1.00 40.49 ? 2067 HOH A O   1 
HETATM 687 O O   . HOH B 2 .  ? 0.387   -8.471  6.670   1.00 34.31 ? 2068 HOH A O   1 
HETATM 688 O O   . HOH B 2 .  ? 5.080   -12.398 3.242   1.00 34.52 ? 2069 HOH A O   1 
HETATM 689 O O   . HOH B 2 .  ? 2.230   -7.151  9.063   1.00 33.56 ? 2070 HOH A O   1 
HETATM 690 O O   . HOH B 2 .  ? 7.020   3.391   7.494   1.00 20.26 ? 2071 HOH A O   1 
HETATM 691 O O   . HOH B 2 .  ? 3.934   1.713   9.369   1.00 17.97 ? 2072 HOH A O   1 
HETATM 692 O O   . HOH B 2 .  ? 5.363   2.411   0.487   1.00 14.31 ? 2073 HOH A O   1 
HETATM 693 O O   . HOH B 2 .  ? 15.095  -3.822  1.595   1.00 37.10 ? 2074 HOH A O   1 
HETATM 694 O O   . HOH B 2 .  ? 14.517  -3.082  -6.330  1.00 32.20 ? 2075 HOH A O   1 
HETATM 695 O O   . HOH B 2 .  ? 12.177  -10.026 2.416   1.00 37.46 ? 2076 HOH A O   1 
HETATM 696 O O   . HOH B 2 .  ? 6.274   -9.791  -6.832  1.00 29.01 ? 2077 HOH A O   1 
HETATM 697 O O   . HOH B 2 .  ? 10.884  -11.005 -1.746  1.00 26.12 ? 2078 HOH A O   1 
HETATM 698 O O   . HOH B 2 .  ? 13.445  -11.436 -7.440  1.00 15.23 ? 2079 HOH A O   1 
HETATM 699 O O   . HOH B 2 .  ? 7.776   -14.655 -4.528  1.00 38.54 ? 2080 HOH A O   1 
HETATM 700 O O   . HOH B 2 .  ? 14.293  -20.955 -10.576 1.00 50.08 ? 2081 HOH A O   1 
# 
